data_9KW8
#
_entry.id   9KW8
#
_cell.length_a   103.920
_cell.length_b   135.008
_cell.length_c   144.516
_cell.angle_alpha   90.000
_cell.angle_beta   90.000
_cell.angle_gamma   90.000
#
_symmetry.space_group_name_H-M   'P 21 21 21'
#
loop_
_entity.id
_entity.type
_entity.pdbx_description
1 polymer MonBI,MonBII
2 non-polymer '[(2~{S},3~{R})-2-methyl-3-[(2~{S},5~{R})-2-methyl-5-[(2~{S})-2,5,5-trimethyloxolan-2-yl]oxolan-2-yl]-3-oxidanyl-propyl] hexanoate'
3 non-polymer 'SODIUM ION'
#
_entity_poly.entity_id   1
_entity_poly.type   'polypeptide(L)'
_entity_poly.pdbx_seq_one_letter_code
;MNHKVHHHHHHIEGRHMNEFARKKRALEHSRRINAGDLDAIIDLYAPDAVLEDPVGLPPVTGHDALRAHYEPLLAAHLRE
EAAEPVAGQDATHALIQISSVMDYLPVGPLYAERGWLKAPDAPGTARIHRTAMLVIRMDASGLIRHLKSYWGTSDLSGGS
GPAPDEAARKQMAVDYAERINAGDIEGVLDLFTDDIVFEDPVGRPPMVGKDDLRRHLELAVSCGTHEVPDPPMTSMDDRF
VVTPTTVTVQRPRPMTFRIVGIVELDEHGLGRRVQAFWGVTDVTMDDPAGPADTTHPEGIRA
;
_entity_poly.pdbx_strand_id   A,B,C,D
#
# COMPACT_ATOMS: atom_id res chain seq x y z
N HIS A 16 -29.22 -23.16 11.58
CA HIS A 16 -29.21 -23.94 12.81
C HIS A 16 -28.71 -23.10 13.99
N MET A 17 -27.94 -22.07 13.69
CA MET A 17 -27.33 -21.22 14.71
C MET A 17 -28.18 -20.00 14.96
N ASN A 18 -28.55 -19.78 16.22
CA ASN A 18 -29.44 -18.70 16.59
C ASN A 18 -28.62 -17.48 17.02
N GLU A 19 -29.30 -16.47 17.57
CA GLU A 19 -28.63 -15.21 17.90
C GLU A 19 -27.57 -15.40 18.99
N PHE A 20 -27.89 -16.17 20.02
CA PHE A 20 -26.97 -16.33 21.15
C PHE A 20 -25.68 -17.01 20.74
N ALA A 21 -25.76 -18.03 19.87
CA ALA A 21 -24.57 -18.80 19.54
C ALA A 21 -23.63 -18.01 18.63
N ARG A 22 -24.19 -17.23 17.69
CA ARG A 22 -23.33 -16.38 16.87
C ARG A 22 -22.76 -15.22 17.69
N LYS A 23 -23.53 -14.72 18.65
CA LYS A 23 -23.03 -13.71 19.57
C LYS A 23 -21.80 -14.22 20.33
N LYS A 24 -21.84 -15.48 20.76
CA LYS A 24 -20.74 -16.03 21.53
C LYS A 24 -19.54 -16.33 20.63
N ARG A 25 -19.78 -16.82 19.41
CA ARG A 25 -18.69 -17.11 18.50
C ARG A 25 -17.91 -15.84 18.14
N ALA A 26 -18.58 -14.70 18.12
CA ALA A 26 -17.88 -13.44 17.89
C ALA A 26 -16.92 -13.13 19.03
N LEU A 27 -17.37 -13.31 20.27
CA LEU A 27 -16.47 -13.12 21.41
C LEU A 27 -15.35 -14.14 21.41
N GLU A 28 -15.61 -15.36 20.92
CA GLU A 28 -14.56 -16.36 20.80
C GLU A 28 -13.48 -15.92 19.82
N HIS A 29 -13.87 -15.24 18.74
CA HIS A 29 -12.91 -14.72 17.79
C HIS A 29 -11.95 -13.74 18.46
N SER A 30 -12.50 -12.77 19.20
CA SER A 30 -11.66 -11.80 19.88
C SER A 30 -10.79 -12.45 20.95
N ARG A 31 -11.27 -13.53 21.57
CA ARG A 31 -10.47 -14.21 22.58
C ARG A 31 -9.32 -14.99 21.96
N ARG A 32 -9.54 -15.58 20.78
CA ARG A 32 -8.47 -16.31 20.11
C ARG A 32 -7.45 -15.36 19.49
N ILE A 33 -7.87 -14.14 19.15
CA ILE A 33 -6.92 -13.13 18.70
C ILE A 33 -5.98 -12.75 19.84
N ASN A 34 -6.49 -12.73 21.07
CA ASN A 34 -5.69 -12.35 22.22
C ASN A 34 -4.79 -13.47 22.71
N ALA A 35 -5.12 -14.73 22.39
CA ALA A 35 -4.32 -15.85 22.89
C ALA A 35 -2.95 -15.90 22.21
N GLY A 36 -2.91 -15.71 20.90
CA GLY A 36 -1.69 -15.78 20.13
C GLY A 36 -1.59 -16.98 19.21
N ASP A 37 -2.42 -18.00 19.43
CA ASP A 37 -2.42 -19.18 18.58
C ASP A 37 -2.93 -18.79 17.20
N LEU A 38 -2.04 -18.80 16.20
CA LEU A 38 -2.45 -18.41 14.86
C LEU A 38 -3.34 -19.47 14.22
N ASP A 39 -3.02 -20.74 14.42
CA ASP A 39 -3.83 -21.81 13.84
C ASP A 39 -5.25 -21.81 14.37
N ALA A 40 -5.45 -21.41 15.62
CA ALA A 40 -6.79 -21.40 16.21
C ALA A 40 -7.68 -20.34 15.57
N ILE A 41 -7.10 -19.20 15.18
CA ILE A 41 -7.89 -18.15 14.54
C ILE A 41 -8.29 -18.57 13.13
N ILE A 42 -7.35 -19.15 12.37
CA ILE A 42 -7.64 -19.56 11.00
C ILE A 42 -8.67 -20.68 10.99
N ASP A 43 -8.75 -21.47 12.06
CA ASP A 43 -9.75 -22.53 12.15
C ASP A 43 -11.16 -21.97 12.26
N LEU A 44 -11.31 -20.73 12.74
CA LEU A 44 -12.63 -20.12 12.85
C LEU A 44 -13.20 -19.69 11.50
N TYR A 45 -12.34 -19.52 10.49
CA TYR A 45 -12.77 -19.06 9.19
C TYR A 45 -13.03 -20.22 8.24
N ALA A 46 -13.91 -19.99 7.28
CA ALA A 46 -14.13 -20.92 6.18
C ALA A 46 -12.85 -21.00 5.33
N PRO A 47 -12.67 -22.09 4.58
CA PRO A 47 -11.41 -22.22 3.82
C PRO A 47 -11.27 -21.20 2.71
N ASP A 48 -12.37 -20.69 2.16
CA ASP A 48 -12.35 -19.65 1.14
C ASP A 48 -13.01 -18.37 1.65
N ALA A 49 -12.78 -18.05 2.91
CA ALA A 49 -13.41 -16.90 3.54
C ALA A 49 -12.81 -15.59 3.04
N VAL A 50 -13.57 -14.52 3.17
CA VAL A 50 -13.19 -13.19 2.72
C VAL A 50 -13.09 -12.27 3.94
N LEU A 51 -12.04 -11.46 3.97
CA LEU A 51 -11.79 -10.55 5.09
C LEU A 51 -11.47 -9.16 4.55
N GLU A 52 -12.20 -8.16 5.04
CA GLU A 52 -11.94 -6.75 4.73
C GLU A 52 -11.45 -6.08 5.99
N ASP A 53 -10.14 -5.86 6.08
CA ASP A 53 -9.51 -5.24 7.24
C ASP A 53 -8.41 -4.31 6.76
N PRO A 54 -8.72 -3.01 6.60
CA PRO A 54 -10.01 -2.35 6.85
C PRO A 54 -10.98 -2.41 5.68
N VAL A 55 -12.27 -2.16 5.93
CA VAL A 55 -13.24 -2.02 4.85
C VAL A 55 -12.91 -0.76 4.05
N GLY A 56 -13.11 -0.85 2.73
CA GLY A 56 -12.67 0.18 1.82
C GLY A 56 -11.40 -0.14 1.08
N LEU A 57 -10.68 -1.17 1.53
CA LEU A 57 -9.48 -1.70 0.90
C LEU A 57 -9.81 -3.04 0.23
N PRO A 58 -8.96 -3.52 -0.68
CA PRO A 58 -9.23 -4.80 -1.34
C PRO A 58 -9.24 -5.94 -0.34
N PRO A 59 -10.16 -6.91 -0.50
CA PRO A 59 -10.34 -7.95 0.52
C PRO A 59 -9.17 -8.92 0.65
N VAL A 60 -9.36 -9.93 1.49
CA VAL A 60 -8.35 -10.96 1.77
C VAL A 60 -9.06 -12.30 1.74
N THR A 61 -8.72 -13.15 0.78
CA THR A 61 -9.42 -14.41 0.55
C THR A 61 -8.48 -15.58 0.80
N GLY A 62 -8.95 -16.57 1.56
CA GLY A 62 -8.23 -17.81 1.75
C GLY A 62 -7.48 -17.91 3.06
N HIS A 63 -7.41 -19.12 3.61
CA HIS A 63 -6.60 -19.37 4.81
C HIS A 63 -5.16 -18.93 4.60
N ASP A 64 -4.63 -19.13 3.38
CA ASP A 64 -3.27 -18.73 3.08
C ASP A 64 -3.07 -17.24 3.30
N ALA A 65 -3.94 -16.42 2.72
CA ALA A 65 -3.83 -14.97 2.87
C ALA A 65 -4.17 -14.51 4.28
N LEU A 66 -4.93 -15.31 5.04
CA LEU A 66 -5.29 -14.90 6.39
C LEU A 66 -4.11 -15.02 7.34
N ARG A 67 -3.27 -16.04 7.16
CA ARG A 67 -2.03 -16.11 7.93
C ARG A 67 -1.12 -14.94 7.62
N ALA A 68 -1.15 -14.44 6.38
CA ALA A 68 -0.33 -13.27 6.05
C ALA A 68 -0.86 -12.01 6.72
N HIS A 69 -2.16 -11.93 6.99
CA HIS A 69 -2.76 -10.74 7.56
C HIS A 69 -2.71 -10.73 9.08
N TYR A 70 -2.89 -11.89 9.72
CA TYR A 70 -2.97 -11.95 11.18
C TYR A 70 -1.65 -12.27 11.85
N GLU A 71 -0.65 -12.80 11.12
CA GLU A 71 0.63 -13.10 11.75
C GLU A 71 1.35 -11.84 12.24
N PRO A 72 1.54 -10.79 11.42
CA PRO A 72 2.24 -9.60 11.94
C PRO A 72 1.45 -8.87 13.01
N LEU A 73 0.13 -9.03 13.06
CA LEU A 73 -0.64 -8.44 14.15
C LEU A 73 -0.34 -9.12 15.47
N LEU A 74 -0.21 -10.45 15.45
CA LEU A 74 0.13 -11.17 16.68
C LEU A 74 1.57 -10.92 17.10
N ALA A 75 2.45 -10.58 16.14
CA ALA A 75 3.81 -10.21 16.49
C ALA A 75 3.84 -8.89 17.26
N ALA A 76 2.94 -7.97 16.93
CA ALA A 76 2.85 -6.70 17.62
C ALA A 76 2.07 -6.77 18.92
N HIS A 77 1.65 -7.97 19.33
CA HIS A 77 0.95 -8.20 20.60
C HIS A 77 -0.40 -7.51 20.62
N LEU A 78 -1.26 -7.85 19.65
CA LEU A 78 -2.59 -7.25 19.58
C LEU A 78 -3.43 -7.66 20.79
N ARG A 79 -3.97 -6.68 21.50
CA ARG A 79 -4.84 -6.90 22.64
C ARG A 79 -6.19 -6.26 22.33
N GLU A 80 -7.26 -7.05 22.49
CA GLU A 80 -8.60 -6.63 22.09
C GLU A 80 -9.52 -6.63 23.29
N GLU A 81 -10.05 -5.45 23.63
CA GLU A 81 -11.21 -5.34 24.50
C GLU A 81 -12.44 -5.24 23.61
N ALA A 82 -13.29 -6.26 23.66
CA ALA A 82 -14.47 -6.33 22.82
C ALA A 82 -15.70 -5.84 23.57
N ALA A 83 -16.55 -5.08 22.89
CA ALA A 83 -17.82 -4.67 23.45
C ALA A 83 -18.74 -5.89 23.53
N GLU A 84 -19.93 -5.69 24.11
CA GLU A 84 -20.89 -6.79 24.17
C GLU A 84 -21.57 -6.90 22.82
N PRO A 85 -21.34 -7.98 22.08
CA PRO A 85 -21.78 -8.03 20.68
C PRO A 85 -23.30 -8.00 20.54
N VAL A 86 -23.73 -7.57 19.36
CA VAL A 86 -25.13 -7.63 18.96
C VAL A 86 -25.24 -8.55 17.76
N ALA A 87 -26.41 -9.17 17.60
CA ALA A 87 -26.66 -10.11 16.52
C ALA A 87 -27.67 -9.54 15.54
N GLY A 88 -27.85 -10.25 14.43
CA GLY A 88 -28.80 -9.88 13.41
C GLY A 88 -29.88 -10.93 13.28
N GLN A 89 -31.05 -10.53 12.82
CA GLN A 89 -32.18 -11.45 12.64
C GLN A 89 -32.16 -12.09 11.25
N ASP A 90 -31.00 -12.59 10.85
CA ASP A 90 -30.82 -13.23 9.54
C ASP A 90 -30.01 -14.51 9.64
N ALA A 91 -29.82 -15.03 10.85
CA ALA A 91 -29.20 -16.32 11.09
C ALA A 91 -27.74 -16.39 10.69
N THR A 92 -27.15 -15.27 10.27
CA THR A 92 -25.79 -15.32 9.76
C THR A 92 -24.88 -14.28 10.40
N HIS A 93 -25.45 -13.14 10.82
CA HIS A 93 -24.66 -11.96 11.14
C HIS A 93 -24.58 -11.72 12.64
N ALA A 94 -23.37 -11.46 13.12
CA ALA A 94 -23.11 -10.96 14.45
C ALA A 94 -22.09 -9.83 14.34
N LEU A 95 -22.31 -8.75 15.08
CA LEU A 95 -21.47 -7.57 15.01
C LEU A 95 -20.92 -7.25 16.40
N ILE A 96 -19.66 -6.85 16.45
CA ILE A 96 -18.98 -6.60 17.72
C ILE A 96 -17.95 -5.49 17.51
N GLN A 97 -17.78 -4.66 18.54
CA GLN A 97 -16.82 -3.58 18.51
C GLN A 97 -15.50 -4.04 19.12
N ILE A 98 -14.39 -3.62 18.53
CA ILE A 98 -13.06 -4.07 18.91
C ILE A 98 -12.22 -2.84 19.23
N SER A 99 -11.87 -2.68 20.50
CA SER A 99 -10.88 -1.69 20.92
C SER A 99 -9.50 -2.35 20.90
N SER A 100 -8.61 -1.86 20.04
CA SER A 100 -7.35 -2.51 19.77
C SER A 100 -6.18 -1.69 20.31
N VAL A 101 -5.19 -2.39 20.85
CA VAL A 101 -3.90 -1.79 21.20
C VAL A 101 -2.81 -2.76 20.75
N MET A 102 -1.69 -2.21 20.28
CA MET A 102 -0.61 -3.03 19.76
C MET A 102 0.66 -2.21 19.70
N ASP A 103 1.79 -2.91 19.72
CA ASP A 103 3.07 -2.25 19.54
C ASP A 103 3.19 -1.70 18.12
N TYR A 104 4.01 -0.66 17.97
CA TYR A 104 4.16 -0.03 16.66
C TYR A 104 4.76 -0.99 15.64
N LEU A 105 5.67 -1.87 16.07
CA LEU A 105 6.22 -2.77 15.07
C LEU A 105 5.52 -4.12 15.12
N PRO A 106 5.35 -4.78 13.97
CA PRO A 106 5.80 -4.41 12.63
C PRO A 106 4.70 -3.80 11.75
N VAL A 107 3.49 -3.61 12.26
CA VAL A 107 2.39 -3.21 11.41
C VAL A 107 2.34 -1.68 11.23
N GLY A 108 2.78 -0.93 12.22
CA GLY A 108 2.76 0.51 12.20
C GLY A 108 3.40 1.14 10.97
N PRO A 109 4.64 0.74 10.66
CA PRO A 109 5.31 1.27 9.46
C PRO A 109 4.47 1.15 8.19
N LEU A 110 3.70 0.07 8.04
CA LEU A 110 2.81 -0.03 6.88
C LEU A 110 1.68 0.99 6.96
N TYR A 111 1.12 1.18 8.16
CA TYR A 111 0.06 2.17 8.32
C TYR A 111 0.57 3.57 8.02
N ALA A 112 1.79 3.89 8.45
CA ALA A 112 2.36 5.20 8.15
C ALA A 112 2.64 5.36 6.66
N GLU A 113 3.02 4.27 5.99
CA GLU A 113 3.29 4.33 4.55
C GLU A 113 2.03 4.68 3.78
N ARG A 114 0.88 4.13 4.19
CA ARG A 114 -0.39 4.44 3.55
C ARG A 114 -0.92 5.81 3.93
N GLY A 115 -0.26 6.52 4.84
CA GLY A 115 -0.70 7.84 5.25
C GLY A 115 -1.70 7.85 6.38
N TRP A 116 -1.77 6.79 7.19
CA TRP A 116 -2.72 6.70 8.28
C TRP A 116 -2.14 7.13 9.61
N LEU A 117 -0.86 6.85 9.84
CA LEU A 117 -0.12 7.34 11.00
C LEU A 117 0.97 8.30 10.56
N LYS A 118 1.44 9.09 11.52
CA LYS A 118 2.72 9.78 11.40
C LYS A 118 3.75 8.99 12.19
N ALA A 119 4.89 8.72 11.57
CA ALA A 119 5.89 7.87 12.19
C ALA A 119 6.33 8.46 13.53
N PRO A 120 6.37 7.66 14.60
CA PRO A 120 6.72 8.20 15.91
C PRO A 120 8.22 8.41 16.05
N ASP A 121 8.58 9.13 17.11
CA ASP A 121 10.00 9.37 17.40
C ASP A 121 10.68 8.09 17.88
N ALA A 122 9.96 7.24 18.62
CA ALA A 122 10.48 5.97 19.12
C ALA A 122 9.57 4.86 18.62
N PRO A 123 9.80 4.37 17.38
CA PRO A 123 8.97 3.29 16.84
C PRO A 123 9.10 1.97 17.59
N GLY A 124 10.02 1.86 18.54
CA GLY A 124 10.19 0.63 19.29
C GLY A 124 9.45 0.63 20.61
N THR A 125 8.96 1.81 21.03
CA THR A 125 8.18 1.93 22.24
C THR A 125 6.76 2.46 22.01
N ALA A 126 6.45 2.92 20.80
CA ALA A 126 5.14 3.48 20.51
C ALA A 126 4.07 2.39 20.56
N ARG A 127 2.82 2.84 20.67
CA ARG A 127 1.67 1.95 20.69
C ARG A 127 0.60 2.50 19.76
N ILE A 128 -0.21 1.60 19.21
CA ILE A 128 -1.26 1.95 18.26
C ILE A 128 -2.60 1.61 18.88
N HIS A 129 -3.48 2.60 18.95
CA HIS A 129 -4.84 2.42 19.44
C HIS A 129 -5.81 2.51 18.27
N ARG A 130 -6.88 1.70 18.32
CA ARG A 130 -7.77 1.57 17.18
C ARG A 130 -9.14 1.11 17.65
N THR A 131 -10.18 1.81 17.19
CA THR A 131 -11.56 1.43 17.43
C THR A 131 -12.17 0.98 16.11
N ALA A 132 -12.71 -0.24 16.09
CA ALA A 132 -13.25 -0.81 14.86
C ALA A 132 -14.52 -1.58 15.19
N MET A 133 -15.39 -1.70 14.19
CA MET A 133 -16.66 -2.42 14.30
C MET A 133 -16.64 -3.57 13.30
N LEU A 134 -16.66 -4.80 13.80
CA LEU A 134 -16.63 -5.97 12.95
C LEU A 134 -18.05 -6.42 12.61
N VAL A 135 -18.26 -6.76 11.34
CA VAL A 135 -19.53 -7.30 10.86
C VAL A 135 -19.24 -8.70 10.35
N ILE A 136 -19.60 -9.72 11.12
CA ILE A 136 -19.25 -11.09 10.83
C ILE A 136 -20.45 -11.80 10.22
N ARG A 137 -20.22 -12.52 9.12
CA ARG A 137 -21.22 -13.40 8.53
C ARG A 137 -20.75 -14.84 8.67
N MET A 138 -21.56 -15.66 9.32
CA MET A 138 -21.22 -17.06 9.55
C MET A 138 -22.25 -17.95 8.87
N ASP A 139 -21.79 -19.10 8.38
CA ASP A 139 -22.71 -20.13 7.91
C ASP A 139 -23.30 -20.88 9.09
N ALA A 140 -24.11 -21.90 8.80
CA ALA A 140 -24.82 -22.61 9.86
C ALA A 140 -23.89 -23.39 10.79
N SER A 141 -22.63 -23.57 10.42
CA SER A 141 -21.70 -24.40 11.19
C SER A 141 -20.81 -23.60 12.13
N GLY A 142 -20.91 -22.27 12.12
CA GLY A 142 -20.05 -21.44 12.93
C GLY A 142 -18.83 -20.89 12.20
N LEU A 143 -18.62 -21.28 10.95
CA LEU A 143 -17.46 -20.83 10.20
C LEU A 143 -17.70 -19.43 9.66
N ILE A 144 -16.68 -18.58 9.76
CA ILE A 144 -16.77 -17.21 9.28
C ILE A 144 -16.63 -17.23 7.76
N ARG A 145 -17.72 -16.90 7.06
CA ARG A 145 -17.69 -16.79 5.61
C ARG A 145 -17.29 -15.41 5.13
N HIS A 146 -17.49 -14.37 5.95
CA HIS A 146 -17.13 -13.02 5.58
C HIS A 146 -16.98 -12.21 6.87
N LEU A 147 -15.95 -11.37 6.92
CA LEU A 147 -15.70 -10.51 8.07
C LEU A 147 -15.35 -9.12 7.55
N LYS A 148 -16.27 -8.18 7.68
CA LYS A 148 -16.01 -6.77 7.39
C LYS A 148 -15.63 -6.06 8.68
N SER A 149 -14.44 -5.47 8.70
CA SER A 149 -13.94 -4.73 9.86
C SER A 149 -13.84 -3.26 9.47
N TYR A 150 -14.78 -2.46 9.95
CA TYR A 150 -14.87 -1.05 9.61
C TYR A 150 -14.03 -0.22 10.56
N TRP A 151 -13.07 0.53 10.02
CA TRP A 151 -12.36 1.57 10.76
C TRP A 151 -11.60 2.44 9.78
N GLY A 152 -11.36 3.69 10.17
CA GLY A 152 -10.68 4.64 9.33
C GLY A 152 -9.54 5.36 10.01
N THR A 153 -9.17 6.54 9.49
CA THR A 153 -8.07 7.29 10.07
C THR A 153 -8.47 7.93 11.40
N SER A 154 -9.70 8.46 11.48
CA SER A 154 -10.19 9.03 12.72
C SER A 154 -10.43 7.98 13.79
N ASP A 155 -10.29 6.70 13.46
CA ASP A 155 -10.44 5.60 14.40
C ASP A 155 -9.09 4.97 14.73
N LEU A 156 -8.02 5.75 14.62
CA LEU A 156 -6.67 5.22 14.71
C LEU A 156 -5.73 6.33 15.17
N SER A 157 -4.64 5.94 15.82
CA SER A 157 -3.68 6.90 16.37
C SER A 157 -2.85 7.54 15.26
N GLY A 158 -1.65 8.01 15.61
CA GLY A 158 -0.70 8.54 14.65
C GLY A 158 -0.89 10.00 14.29
N GLY A 159 -2.12 10.51 14.40
CA GLY A 159 -2.40 11.90 14.09
C GLY A 159 -3.04 12.15 12.73
N SER A 160 -3.06 11.14 11.87
CA SER A 160 -3.66 11.26 10.53
C SER A 160 -3.05 12.40 9.73
N ALA A 163 -8.59 13.02 10.80
CA ALA A 163 -9.95 13.35 10.40
C ALA A 163 -9.95 14.46 9.36
N PRO A 164 -10.14 14.08 8.08
CA PRO A 164 -10.17 15.09 7.02
C PRO A 164 -11.58 15.51 6.64
N ASP A 165 -12.35 15.98 7.63
CA ASP A 165 -13.76 16.31 7.47
C ASP A 165 -14.59 15.15 6.95
N GLU A 166 -14.07 13.92 7.08
CA GLU A 166 -14.97 12.78 7.30
C GLU A 166 -15.68 12.94 8.64
N ALA A 167 -15.15 13.81 9.50
CA ALA A 167 -15.85 14.26 10.70
C ALA A 167 -17.24 14.78 10.36
N ALA A 168 -17.33 15.60 9.31
CA ALA A 168 -18.65 16.07 8.86
C ALA A 168 -19.53 14.91 8.43
N ARG A 169 -18.93 13.86 7.85
CA ARG A 169 -19.69 12.66 7.53
C ARG A 169 -19.90 11.79 8.77
N LYS A 170 -18.95 11.81 9.70
CA LYS A 170 -19.16 11.15 10.99
C LYS A 170 -20.32 11.78 11.75
N GLN A 171 -20.43 13.12 11.68
CA GLN A 171 -21.46 13.82 12.44
C GLN A 171 -22.87 13.48 11.94
N MET A 172 -23.00 13.09 10.67
CA MET A 172 -24.29 12.68 10.14
C MET A 172 -24.92 11.59 11.01
N ALA A 173 -24.10 10.69 11.53
CA ALA A 173 -24.60 9.65 12.43
C ALA A 173 -25.09 10.23 13.75
N VAL A 174 -24.53 11.36 14.18
CA VAL A 174 -24.97 11.98 15.42
C VAL A 174 -26.10 12.97 15.18
N ASP A 175 -26.18 13.57 13.98
CA ASP A 175 -27.29 14.46 13.67
C ASP A 175 -28.60 13.69 13.61
N TYR A 176 -28.57 12.45 13.10
CA TYR A 176 -29.76 11.60 13.10
C TYR A 176 -30.33 11.46 14.51
N ALA A 177 -29.48 11.13 15.47
CA ALA A 177 -29.95 10.97 16.84
C ALA A 177 -30.49 12.28 17.39
N GLU A 178 -29.84 13.40 17.08
CA GLU A 178 -30.32 14.68 17.58
C GLU A 178 -31.69 15.04 17.01
N ARG A 179 -31.89 14.81 15.73
CA ARG A 179 -33.16 15.19 15.10
C ARG A 179 -34.30 14.28 15.55
N ILE A 180 -34.05 12.98 15.62
CA ILE A 180 -35.11 12.05 16.01
C ILE A 180 -35.41 12.17 17.50
N ASN A 181 -34.46 12.64 18.31
CA ASN A 181 -34.74 12.87 19.72
C ASN A 181 -35.62 14.09 19.94
N ALA A 182 -35.65 15.01 18.98
CA ALA A 182 -36.47 16.21 19.08
C ALA A 182 -37.80 16.09 18.35
N GLY A 183 -38.03 15.00 17.62
CA GLY A 183 -39.23 14.86 16.83
C GLY A 183 -39.17 15.49 15.46
N ASP A 184 -38.03 16.07 15.07
CA ASP A 184 -37.87 16.68 13.75
C ASP A 184 -37.78 15.54 12.72
N ILE A 185 -38.95 15.01 12.37
CA ILE A 185 -39.00 13.90 11.43
C ILE A 185 -38.52 14.33 10.05
N GLU A 186 -38.82 15.57 9.65
CA GLU A 186 -38.41 16.03 8.32
C GLU A 186 -36.91 16.23 8.25
N GLY A 187 -36.29 16.70 9.34
CA GLY A 187 -34.85 16.82 9.36
C GLY A 187 -34.13 15.49 9.27
N VAL A 188 -34.72 14.44 9.86
CA VAL A 188 -34.15 13.10 9.73
C VAL A 188 -34.17 12.67 8.27
N LEU A 189 -35.27 12.93 7.58
CA LEU A 189 -35.39 12.55 6.18
C LEU A 189 -34.46 13.35 5.27
N ASP A 190 -34.02 14.54 5.73
CA ASP A 190 -33.09 15.34 4.94
C ASP A 190 -31.68 14.77 4.92
N LEU A 191 -31.43 13.68 5.64
CA LEU A 191 -30.11 13.07 5.70
C LEU A 191 -29.92 11.95 4.69
N PHE A 192 -30.99 11.50 4.04
CA PHE A 192 -30.94 10.35 3.14
C PHE A 192 -31.38 10.75 1.74
N THR A 193 -30.96 9.95 0.77
CA THR A 193 -31.42 10.12 -0.61
C THR A 193 -32.89 9.68 -0.72
N ASP A 194 -33.50 10.03 -1.84
CA ASP A 194 -34.92 9.70 -2.04
C ASP A 194 -35.11 8.20 -2.26
N ASP A 195 -34.13 7.52 -2.86
CA ASP A 195 -34.18 6.07 -3.01
C ASP A 195 -33.65 5.34 -1.78
N ILE A 196 -34.05 5.79 -0.59
CA ILE A 196 -33.48 5.25 0.65
C ILE A 196 -33.96 3.83 0.87
N VAL A 197 -33.02 2.93 1.12
CA VAL A 197 -33.30 1.56 1.53
C VAL A 197 -32.87 1.42 2.98
N PHE A 198 -33.84 1.18 3.86
CA PHE A 198 -33.64 1.24 5.31
C PHE A 198 -34.01 -0.11 5.92
N GLU A 199 -33.03 -1.01 6.00
CA GLU A 199 -33.22 -2.29 6.68
C GLU A 199 -33.19 -2.09 8.18
N ASP A 200 -34.31 -2.36 8.83
CA ASP A 200 -34.35 -2.27 10.29
C ASP A 200 -35.51 -3.11 10.82
N PRO A 201 -35.24 -4.25 11.45
CA PRO A 201 -33.92 -4.85 11.68
C PRO A 201 -33.41 -5.58 10.45
N VAL A 202 -32.10 -5.81 10.34
CA VAL A 202 -31.58 -6.59 9.21
C VAL A 202 -32.11 -8.01 9.33
N GLY A 203 -32.85 -8.45 8.31
CA GLY A 203 -33.50 -9.74 8.35
C GLY A 203 -34.95 -9.64 7.93
N ARG A 204 -35.57 -8.52 8.25
CA ARG A 204 -36.93 -8.20 7.81
C ARG A 204 -36.88 -7.36 6.54
N PRO A 205 -37.95 -7.36 5.75
CA PRO A 205 -37.92 -6.65 4.46
C PRO A 205 -37.71 -5.16 4.64
N PRO A 206 -36.84 -4.56 3.83
CA PRO A 206 -36.48 -3.15 4.04
C PRO A 206 -37.59 -2.20 3.63
N MET A 207 -37.50 -0.99 4.17
CA MET A 207 -38.32 0.12 3.71
C MET A 207 -37.62 0.82 2.56
N VAL A 208 -38.38 1.13 1.52
CA VAL A 208 -37.84 1.80 0.33
C VAL A 208 -38.66 3.07 0.10
N GLY A 209 -37.97 4.18 -0.15
CA GLY A 209 -38.63 5.45 -0.36
C GLY A 209 -38.95 6.15 0.95
N LYS A 210 -38.79 7.47 0.98
CA LYS A 210 -39.06 8.23 2.19
C LYS A 210 -40.53 8.20 2.60
N ASP A 211 -41.42 7.77 1.71
CA ASP A 211 -42.81 7.53 2.11
C ASP A 211 -42.88 6.39 3.12
N ASP A 212 -42.16 5.30 2.85
CA ASP A 212 -42.07 4.21 3.82
C ASP A 212 -41.32 4.66 5.07
N LEU A 213 -40.23 5.41 4.89
CA LEU A 213 -39.42 5.82 6.03
C LEU A 213 -40.14 6.83 6.91
N ARG A 214 -40.96 7.71 6.32
CA ARG A 214 -41.72 8.66 7.11
C ARG A 214 -42.70 7.95 8.03
N ARG A 215 -43.29 6.85 7.55
CA ARG A 215 -44.15 6.03 8.40
C ARG A 215 -43.37 5.47 9.58
N HIS A 216 -42.17 4.95 9.32
CA HIS A 216 -41.31 4.44 10.38
C HIS A 216 -41.01 5.51 11.42
N LEU A 217 -40.53 6.67 10.97
CA LEU A 217 -40.15 7.72 11.90
C LEU A 217 -41.35 8.30 12.61
N GLU A 218 -42.52 8.32 11.95
CA GLU A 218 -43.74 8.75 12.62
C GLU A 218 -44.05 7.85 13.81
N LEU A 219 -43.82 6.55 13.67
CA LEU A 219 -44.10 5.61 14.74
C LEU A 219 -43.02 5.60 15.81
N ALA A 220 -41.81 6.06 15.49
CA ALA A 220 -40.77 6.19 16.50
C ALA A 220 -41.16 7.23 17.54
N VAL A 221 -41.37 8.47 17.10
CA VAL A 221 -41.81 9.52 18.02
C VAL A 221 -43.15 9.19 18.64
N SER A 222 -43.95 8.33 17.99
CA SER A 222 -45.24 7.95 18.54
C SER A 222 -45.09 7.25 19.89
N CYS A 223 -44.27 6.21 19.94
CA CYS A 223 -43.98 5.52 21.20
C CYS A 223 -42.74 6.07 21.90
N GLY A 224 -42.33 7.29 21.57
CA GLY A 224 -41.32 8.02 22.29
C GLY A 224 -39.96 7.36 22.42
N THR A 225 -39.24 7.23 21.31
CA THR A 225 -37.89 6.69 21.37
C THR A 225 -36.88 7.79 21.68
N HIS A 226 -35.81 7.39 22.36
CA HIS A 226 -34.67 8.27 22.61
C HIS A 226 -33.41 7.52 22.22
N GLU A 227 -32.59 8.13 21.37
CA GLU A 227 -31.41 7.49 20.81
C GLU A 227 -30.15 8.12 21.40
N VAL A 228 -29.17 7.28 21.71
CA VAL A 228 -27.89 7.72 22.22
C VAL A 228 -26.79 6.97 21.47
N PRO A 229 -26.01 7.63 20.61
CA PRO A 229 -24.98 6.92 19.86
C PRO A 229 -23.62 6.94 20.53
N ASP A 230 -22.97 5.78 20.58
CA ASP A 230 -21.56 5.75 20.92
C ASP A 230 -20.76 6.39 19.79
N PRO A 231 -19.52 6.78 20.05
CA PRO A 231 -18.70 7.42 19.00
C PRO A 231 -18.66 6.57 17.74
N PRO A 232 -19.02 7.13 16.59
CA PRO A 232 -19.13 6.34 15.37
C PRO A 232 -17.76 6.07 14.76
N MET A 233 -17.79 5.24 13.72
CA MET A 233 -16.60 4.90 12.93
C MET A 233 -16.96 4.93 11.46
N THR A 234 -15.95 5.17 10.62
CA THR A 234 -16.11 5.18 9.18
C THR A 234 -15.26 4.09 8.56
N SER A 235 -15.49 3.85 7.27
CA SER A 235 -14.58 3.00 6.51
C SER A 235 -13.34 3.80 6.12
N MET A 236 -12.34 3.08 5.60
CA MET A 236 -11.12 3.77 5.18
C MET A 236 -11.32 4.61 3.93
N ASP A 237 -12.53 4.60 3.34
CA ASP A 237 -12.85 5.48 2.22
C ASP A 237 -14.08 6.34 2.47
N ASP A 238 -14.70 6.23 3.64
CA ASP A 238 -15.83 7.07 4.07
C ASP A 238 -17.09 6.85 3.25
N ARG A 239 -17.21 5.72 2.56
CA ARG A 239 -18.48 5.37 1.94
C ARG A 239 -19.48 4.84 2.96
N PHE A 240 -19.01 4.37 4.12
CA PHE A 240 -19.87 3.85 5.17
C PHE A 240 -19.59 4.57 6.47
N VAL A 241 -20.66 4.97 7.16
CA VAL A 241 -20.60 5.46 8.53
C VAL A 241 -21.29 4.43 9.42
N VAL A 242 -20.63 4.05 10.51
CA VAL A 242 -21.10 2.98 11.38
C VAL A 242 -21.45 3.57 12.74
N THR A 243 -22.65 3.28 13.22
CA THR A 243 -23.16 3.91 14.43
C THR A 243 -23.61 2.86 15.43
N PRO A 244 -22.97 2.76 16.59
CA PRO A 244 -23.58 1.98 17.68
C PRO A 244 -24.49 2.84 18.54
N THR A 245 -25.80 2.69 18.39
CA THR A 245 -26.77 3.45 19.17
C THR A 245 -27.38 2.57 20.26
N THR A 246 -27.98 3.23 21.25
CA THR A 246 -28.73 2.58 22.32
C THR A 246 -30.09 3.28 22.38
N VAL A 247 -31.06 2.71 21.67
CA VAL A 247 -32.39 3.31 21.56
C VAL A 247 -33.24 2.86 22.74
N THR A 248 -33.88 3.82 23.40
CA THR A 248 -34.80 3.55 24.50
C THR A 248 -36.18 4.09 24.13
N VAL A 249 -37.19 3.24 24.17
CA VAL A 249 -38.57 3.64 23.94
C VAL A 249 -39.30 3.63 25.27
N GLN A 250 -40.36 4.44 25.35
CA GLN A 250 -41.19 4.49 26.54
C GLN A 250 -42.47 3.68 26.42
N ARG A 251 -42.81 3.21 25.21
CA ARG A 251 -44.06 2.52 24.95
C ARG A 251 -43.82 1.43 23.91
N PRO A 252 -44.45 0.26 24.04
CA PRO A 252 -45.31 -0.18 25.16
C PRO A 252 -44.49 -0.56 26.39
N ARG A 253 -44.43 0.33 27.39
CA ARG A 253 -43.63 0.19 28.60
C ARG A 253 -42.15 0.28 28.25
N PRO A 254 -41.34 0.98 29.05
CA PRO A 254 -39.96 1.27 28.63
C PRO A 254 -39.17 0.04 28.24
N MET A 255 -38.38 0.19 27.17
CA MET A 255 -37.50 -0.86 26.67
C MET A 255 -36.17 -0.23 26.25
N THR A 256 -35.19 -1.08 25.95
CA THR A 256 -33.87 -0.63 25.56
C THR A 256 -33.34 -1.48 24.41
N PHE A 257 -32.82 -0.82 23.38
CA PHE A 257 -32.29 -1.48 22.20
C PHE A 257 -30.78 -1.27 22.14
N ARG A 258 -30.05 -2.32 21.77
CA ARG A 258 -28.61 -2.23 21.50
C ARG A 258 -28.39 -2.57 20.04
N ILE A 259 -28.00 -1.56 19.25
CA ILE A 259 -28.02 -1.63 17.80
C ILE A 259 -26.68 -1.16 17.25
N VAL A 260 -26.37 -1.61 16.03
CA VAL A 260 -25.25 -1.10 15.25
C VAL A 260 -25.73 -0.92 13.82
N GLY A 261 -25.72 0.32 13.34
CA GLY A 261 -26.19 0.66 12.01
C GLY A 261 -25.04 1.00 11.08
N ILE A 262 -25.24 0.75 9.79
CA ILE A 262 -24.23 1.02 8.77
C ILE A 262 -24.91 1.78 7.64
N VAL A 263 -24.61 3.06 7.51
CA VAL A 263 -25.09 3.88 6.40
C VAL A 263 -24.09 3.79 5.25
N GLU A 264 -24.58 3.71 4.03
CA GLU A 264 -23.76 3.92 2.85
C GLU A 264 -24.00 5.32 2.32
N LEU A 265 -22.93 6.09 2.19
CA LEU A 265 -23.03 7.47 1.74
C LEU A 265 -22.88 7.54 0.21
N ASP A 266 -23.55 8.51 -0.38
CA ASP A 266 -23.50 8.70 -1.83
C ASP A 266 -22.31 9.61 -2.18
N GLU A 267 -22.39 10.29 -3.32
CA GLU A 267 -21.32 11.19 -3.73
C GLU A 267 -21.26 12.42 -2.83
N HIS A 268 -22.42 12.96 -2.46
CA HIS A 268 -22.50 14.22 -1.74
C HIS A 268 -22.72 14.04 -0.24
N GLY A 269 -22.62 12.82 0.26
CA GLY A 269 -22.73 12.58 1.68
C GLY A 269 -24.12 12.32 2.21
N LEU A 270 -25.05 11.92 1.36
CA LEU A 270 -26.40 11.60 1.80
C LEU A 270 -26.52 10.10 2.11
N GLY A 271 -27.55 9.75 2.88
CA GLY A 271 -27.76 8.37 3.26
C GLY A 271 -28.42 7.55 2.16
N ARG A 272 -27.67 6.63 1.56
CA ARG A 272 -28.18 5.83 0.45
C ARG A 272 -28.83 4.54 0.95
N ARG A 273 -28.06 3.68 1.61
CA ARG A 273 -28.57 2.44 2.16
C ARG A 273 -28.23 2.37 3.65
N VAL A 274 -29.13 1.77 4.44
CA VAL A 274 -28.98 1.69 5.89
C VAL A 274 -29.29 0.27 6.32
N GLN A 275 -28.44 -0.29 7.17
CA GLN A 275 -28.61 -1.65 7.71
C GLN A 275 -28.56 -1.56 9.24
N ALA A 276 -29.72 -1.48 9.87
CA ALA A 276 -29.79 -1.43 11.34
C ALA A 276 -29.75 -2.84 11.88
N PHE A 277 -28.61 -3.23 12.45
CA PHE A 277 -28.40 -4.57 12.96
C PHE A 277 -28.80 -4.62 14.44
N TRP A 278 -29.87 -5.35 14.74
CA TRP A 278 -30.25 -5.61 16.12
C TRP A 278 -31.13 -6.85 16.16
N GLY A 279 -30.85 -7.74 17.10
CA GLY A 279 -31.57 -9.00 17.20
C GLY A 279 -32.60 -8.99 18.33
N VAL A 280 -33.36 -10.08 18.39
CA VAL A 280 -34.37 -10.24 19.43
C VAL A 280 -33.72 -10.24 20.81
N THR A 281 -32.54 -10.86 20.91
CA THR A 281 -31.81 -10.94 22.17
C THR A 281 -31.13 -9.62 22.55
N ASP A 282 -31.37 -8.56 21.79
CA ASP A 282 -30.77 -7.25 22.06
C ASP A 282 -31.77 -6.26 22.63
N VAL A 283 -33.04 -6.66 22.79
CA VAL A 283 -34.05 -5.84 23.45
C VAL A 283 -34.15 -6.29 24.89
N THR A 284 -34.50 -5.36 25.77
CA THR A 284 -34.48 -5.64 27.21
C THR A 284 -35.61 -4.90 27.91
N MET A 285 -36.19 -5.55 28.92
CA MET A 285 -37.16 -4.91 29.80
C MET A 285 -36.41 -4.13 30.87
N ASP A 286 -36.71 -2.83 30.99
CA ASP A 286 -36.22 -2.06 32.14
C ASP A 286 -37.41 -1.63 32.99
N GLY B 14 39.36 15.85 -2.11
CA GLY B 14 40.49 16.37 -1.36
C GLY B 14 41.20 15.23 -0.61
N ARG B 15 40.42 14.27 -0.14
CA ARG B 15 40.94 13.10 0.57
C ARG B 15 39.85 12.05 0.72
N HIS B 16 40.16 10.79 0.39
CA HIS B 16 39.17 9.73 0.48
C HIS B 16 39.80 8.35 0.34
N MET B 17 38.99 7.36 0.02
CA MET B 17 39.43 6.01 -0.28
C MET B 17 39.37 5.79 -1.78
N ASN B 18 40.32 5.03 -2.32
CA ASN B 18 40.46 4.92 -3.76
C ASN B 18 39.38 4.02 -4.35
N GLU B 19 39.44 3.85 -5.67
CA GLU B 19 38.38 3.13 -6.39
C GLU B 19 38.35 1.66 -6.00
N PHE B 20 39.51 1.01 -5.93
CA PHE B 20 39.56 -0.41 -5.62
C PHE B 20 39.01 -0.70 -4.23
N ALA B 21 39.26 0.20 -3.27
CA ALA B 21 38.87 -0.08 -1.89
C ALA B 21 37.36 0.07 -1.69
N ARG B 22 36.73 1.03 -2.36
CA ARG B 22 35.28 1.13 -2.29
C ARG B 22 34.61 -0.13 -2.82
N LYS B 23 35.26 -0.81 -3.77
CA LYS B 23 34.70 -2.03 -4.33
C LYS B 23 34.83 -3.20 -3.36
N LYS B 24 35.97 -3.28 -2.66
CA LYS B 24 36.17 -4.38 -1.72
C LYS B 24 35.31 -4.23 -0.48
N ARG B 25 35.07 -2.99 -0.04
CA ARG B 25 34.18 -2.80 1.10
C ARG B 25 32.73 -3.10 0.74
N ALA B 26 32.36 -2.89 -0.53
CA ALA B 26 31.02 -3.27 -0.97
C ALA B 26 30.82 -4.78 -0.89
N LEU B 27 31.81 -5.54 -1.37
CA LEU B 27 31.74 -7.00 -1.23
C LEU B 27 31.86 -7.42 0.22
N GLU B 28 32.51 -6.60 1.06
CA GLU B 28 32.59 -6.91 2.49
C GLU B 28 31.22 -6.80 3.15
N HIS B 29 30.40 -5.84 2.72
CA HIS B 29 29.07 -5.69 3.30
C HIS B 29 28.21 -6.92 3.04
N SER B 30 28.29 -7.49 1.84
CA SER B 30 27.56 -8.71 1.54
C SER B 30 28.17 -9.91 2.26
N ARG B 31 29.47 -9.86 2.54
CA ARG B 31 30.10 -10.95 3.29
C ARG B 31 29.55 -11.03 4.71
N ARG B 32 29.47 -9.88 5.39
CA ARG B 32 28.97 -9.87 6.77
C ARG B 32 27.50 -10.22 6.83
N ILE B 33 26.73 -9.89 5.78
CA ILE B 33 25.32 -10.23 5.75
C ILE B 33 25.14 -11.74 5.70
N ASN B 34 25.91 -12.41 4.83
CA ASN B 34 25.83 -13.87 4.74
C ASN B 34 26.36 -14.56 6.00
N ALA B 35 27.25 -13.89 6.72
CA ALA B 35 27.78 -14.45 7.97
C ALA B 35 26.68 -14.56 9.01
N GLY B 36 26.35 -13.45 9.65
CA GLY B 36 25.27 -13.44 10.63
C GLY B 36 25.47 -12.49 11.79
N ASP B 37 26.71 -12.07 12.02
CA ASP B 37 27.01 -11.17 13.14
C ASP B 37 26.38 -9.81 12.85
N LEU B 38 25.28 -9.50 13.54
CA LEU B 38 24.58 -8.25 13.28
C LEU B 38 25.37 -7.05 13.77
N ASP B 39 26.20 -7.23 14.80
CA ASP B 39 27.04 -6.13 15.26
C ASP B 39 28.12 -5.81 14.25
N ALA B 40 28.70 -6.83 13.62
CA ALA B 40 29.72 -6.59 12.60
C ALA B 40 29.12 -5.94 11.36
N ILE B 41 27.85 -6.25 11.04
CA ILE B 41 27.17 -5.56 9.95
C ILE B 41 26.94 -4.11 10.30
N ILE B 42 26.42 -3.85 11.51
CA ILE B 42 26.19 -2.48 11.96
C ILE B 42 27.51 -1.72 12.10
N ASP B 43 28.61 -2.43 12.34
CA ASP B 43 29.92 -1.78 12.40
C ASP B 43 30.25 -1.00 11.13
N LEU B 44 29.77 -1.49 9.98
CA LEU B 44 30.14 -0.89 8.71
C LEU B 44 29.48 0.48 8.49
N TYR B 45 28.41 0.78 9.21
CA TYR B 45 27.71 2.04 9.03
C TYR B 45 28.20 3.08 10.04
N ALA B 46 27.80 4.32 9.81
CA ALA B 46 28.04 5.44 10.70
C ALA B 46 26.85 5.65 11.61
N PRO B 47 27.02 6.32 12.76
CA PRO B 47 25.90 6.51 13.67
C PRO B 47 24.73 7.28 13.08
N ASP B 48 24.96 8.08 12.03
CA ASP B 48 23.90 8.81 11.36
C ASP B 48 23.67 8.30 9.94
N ALA B 49 23.94 7.02 9.70
CA ALA B 49 23.79 6.46 8.36
C ALA B 49 22.31 6.31 8.00
N VAL B 50 22.00 6.58 6.74
CA VAL B 50 20.65 6.45 6.21
C VAL B 50 20.59 5.21 5.33
N LEU B 51 19.48 4.49 5.41
CA LEU B 51 19.32 3.24 4.67
C LEU B 51 17.94 3.22 4.03
N GLU B 52 17.90 3.03 2.70
CA GLU B 52 16.66 2.89 1.95
C GLU B 52 16.58 1.47 1.43
N ASP B 53 15.70 0.66 2.03
CA ASP B 53 15.51 -0.73 1.62
C ASP B 53 14.02 -1.05 1.71
N PRO B 54 13.29 -0.95 0.59
CA PRO B 54 13.75 -0.55 -0.75
C PRO B 54 13.73 0.97 -0.94
N VAL B 55 14.37 1.46 -2.01
CA VAL B 55 14.25 2.87 -2.37
C VAL B 55 12.82 3.16 -2.78
N GLY B 56 12.24 4.22 -2.21
CA GLY B 56 10.84 4.57 -2.39
C GLY B 56 10.05 4.53 -1.11
N LEU B 57 10.38 3.61 -0.21
CA LEU B 57 9.80 3.58 1.11
C LEU B 57 10.48 4.63 2.00
N PRO B 58 9.85 5.00 3.11
CA PRO B 58 10.50 5.95 4.04
C PRO B 58 11.85 5.42 4.51
N PRO B 59 12.86 6.28 4.58
CA PRO B 59 14.22 5.81 4.89
C PRO B 59 14.37 5.23 6.29
N VAL B 60 15.60 4.81 6.61
CA VAL B 60 15.95 4.24 7.90
C VAL B 60 17.27 4.85 8.34
N THR B 61 17.28 5.51 9.49
CA THR B 61 18.43 6.29 9.94
C THR B 61 18.91 5.82 11.30
N GLY B 62 20.22 5.92 11.52
CA GLY B 62 20.81 5.60 12.80
C GLY B 62 20.99 4.11 13.04
N HIS B 63 22.01 3.75 13.83
CA HIS B 63 22.29 2.34 14.13
C HIS B 63 21.05 1.61 14.61
N ASP B 64 20.23 2.26 15.44
CA ASP B 64 19.13 1.56 16.11
C ASP B 64 18.11 1.04 15.11
N ALA B 65 17.68 1.89 14.18
CA ALA B 65 16.72 1.44 13.16
C ALA B 65 17.36 0.49 12.16
N LEU B 66 18.69 0.47 12.07
CA LEU B 66 19.36 -0.51 11.22
C LEU B 66 19.26 -1.91 11.83
N ARG B 67 19.50 -2.03 13.14
N ARG B 67 19.51 -2.01 13.14
CA ARG B 67 19.40 -3.33 13.79
CA ARG B 67 19.40 -3.30 13.82
C ARG B 67 17.97 -3.78 14.02
C ARG B 67 17.97 -3.81 13.79
N ALA B 68 16.99 -2.91 13.81
CA ALA B 68 15.59 -3.31 13.74
C ALA B 68 15.18 -3.72 12.33
N HIS B 69 16.01 -3.42 11.33
CA HIS B 69 15.76 -3.74 9.93
C HIS B 69 16.44 -5.03 9.49
N TYR B 70 17.66 -5.29 9.97
CA TYR B 70 18.41 -6.46 9.55
C TYR B 70 18.20 -7.66 10.45
N GLU B 71 17.78 -7.47 11.70
CA GLU B 71 17.47 -8.60 12.57
C GLU B 71 16.37 -9.48 12.00
N PRO B 72 15.22 -8.97 11.54
CA PRO B 72 14.23 -9.86 10.91
C PRO B 72 14.71 -10.46 9.61
N LEU B 73 15.79 -9.94 9.02
CA LEU B 73 16.33 -10.53 7.81
C LEU B 73 17.29 -11.66 8.12
N LEU B 74 18.18 -11.45 9.10
CA LEU B 74 19.10 -12.51 9.51
C LEU B 74 18.35 -13.72 10.05
N ALA B 75 17.16 -13.51 10.62
CA ALA B 75 16.33 -14.62 11.05
C ALA B 75 15.91 -15.49 9.87
N ALA B 76 15.53 -14.86 8.76
CA ALA B 76 15.12 -15.55 7.54
C ALA B 76 16.29 -16.16 6.77
N HIS B 77 17.49 -16.17 7.35
CA HIS B 77 18.67 -16.79 6.74
C HIS B 77 18.99 -16.15 5.39
N LEU B 78 19.19 -14.84 5.43
CA LEU B 78 19.49 -14.07 4.23
C LEU B 78 20.87 -14.45 3.69
N ARG B 79 20.89 -15.09 2.52
CA ARG B 79 22.13 -15.40 1.82
C ARG B 79 22.18 -14.59 0.53
N GLU B 80 23.33 -14.01 0.24
CA GLU B 80 23.49 -13.09 -0.87
C GLU B 80 24.61 -13.57 -1.80
N GLU B 81 24.29 -13.68 -3.08
CA GLU B 81 25.29 -13.84 -4.14
C GLU B 81 25.47 -12.48 -4.81
N ALA B 82 26.70 -11.98 -4.82
CA ALA B 82 27.01 -10.64 -5.30
C ALA B 82 27.79 -10.71 -6.60
N ALA B 83 27.38 -9.90 -7.57
CA ALA B 83 28.18 -9.71 -8.77
C ALA B 83 29.33 -8.76 -8.47
N GLU B 84 30.27 -8.69 -9.40
CA GLU B 84 31.42 -7.81 -9.20
C GLU B 84 30.97 -6.35 -9.19
N PRO B 85 31.29 -5.59 -8.14
CA PRO B 85 30.81 -4.21 -8.07
C PRO B 85 31.50 -3.31 -9.08
N VAL B 86 30.89 -2.15 -9.29
CA VAL B 86 31.53 -1.06 -10.00
C VAL B 86 31.60 0.13 -9.05
N ALA B 87 32.50 1.06 -9.35
CA ALA B 87 32.72 2.22 -8.51
C ALA B 87 32.27 3.49 -9.23
N GLY B 88 32.46 4.62 -8.55
CA GLY B 88 32.15 5.91 -9.12
C GLY B 88 33.36 6.82 -9.07
N GLN B 89 33.43 7.74 -10.03
CA GLN B 89 34.54 8.67 -10.10
C GLN B 89 34.24 9.89 -9.24
N ASP B 90 33.55 9.67 -8.13
CA ASP B 90 33.21 10.73 -7.18
C ASP B 90 33.79 10.48 -5.80
N ALA B 91 34.75 9.56 -5.67
CA ALA B 91 35.48 9.28 -4.44
C ALA B 91 34.61 8.64 -3.35
N THR B 92 33.28 8.65 -3.53
CA THR B 92 32.36 8.23 -2.47
C THR B 92 31.59 6.97 -2.80
N HIS B 93 31.08 6.83 -4.01
CA HIS B 93 30.09 5.79 -4.32
C HIS B 93 30.73 4.50 -4.80
N ALA B 94 29.99 3.41 -4.61
CA ALA B 94 30.33 2.10 -5.14
C ALA B 94 29.05 1.28 -5.20
N LEU B 95 28.74 0.73 -6.37
CA LEU B 95 27.48 0.04 -6.61
C LEU B 95 27.72 -1.44 -6.82
N ILE B 96 26.76 -2.25 -6.38
CA ILE B 96 26.85 -3.71 -6.49
C ILE B 96 25.44 -4.28 -6.55
N GLN B 97 25.27 -5.31 -7.39
CA GLN B 97 24.00 -6.01 -7.51
C GLN B 97 23.99 -7.21 -6.56
N ILE B 98 22.84 -7.44 -5.94
CA ILE B 98 22.69 -8.49 -4.93
C ILE B 98 21.52 -9.38 -5.32
N SER B 99 21.80 -10.67 -5.49
CA SER B 99 20.76 -11.68 -5.66
C SER B 99 20.60 -12.39 -4.32
N SER B 100 19.45 -12.20 -3.69
CA SER B 100 19.23 -12.64 -2.32
C SER B 100 18.27 -13.82 -2.27
N VAL B 101 18.51 -14.74 -1.34
CA VAL B 101 17.57 -15.79 -0.99
C VAL B 101 17.38 -15.75 0.52
N MET B 102 16.17 -16.07 0.96
CA MET B 102 15.83 -15.94 2.37
C MET B 102 14.57 -16.75 2.66
N ASP B 103 14.45 -17.18 3.91
CA ASP B 103 13.24 -17.86 4.35
C ASP B 103 12.06 -16.89 4.30
N TYR B 104 10.87 -17.43 4.09
CA TYR B 104 9.68 -16.58 4.03
C TYR B 104 9.46 -15.88 5.36
N LEU B 105 9.43 -16.64 6.46
CA LEU B 105 9.28 -16.02 7.76
C LEU B 105 10.63 -15.46 8.23
N PRO B 106 10.62 -14.33 8.94
CA PRO B 106 9.48 -13.53 9.39
C PRO B 106 9.15 -12.34 8.50
N VAL B 107 10.06 -11.88 7.63
CA VAL B 107 9.84 -10.67 6.84
C VAL B 107 8.90 -10.88 5.67
N GLY B 108 8.45 -12.11 5.43
CA GLY B 108 7.60 -12.42 4.31
C GLY B 108 6.21 -11.82 4.37
N PRO B 109 5.44 -12.14 5.41
CA PRO B 109 4.05 -11.66 5.45
C PRO B 109 3.92 -10.14 5.40
N LEU B 110 4.93 -9.40 5.86
CA LEU B 110 4.90 -7.94 5.69
C LEU B 110 4.99 -7.55 4.22
N TYR B 111 5.79 -8.29 3.45
CA TYR B 111 5.81 -8.08 2.00
C TYR B 111 4.43 -8.31 1.40
N ALA B 112 3.76 -9.39 1.82
CA ALA B 112 2.44 -9.71 1.29
C ALA B 112 1.37 -8.77 1.81
N GLU B 113 1.56 -8.20 3.01
CA GLU B 113 0.63 -7.19 3.51
C GLU B 113 0.57 -5.99 2.58
N ARG B 114 1.64 -5.72 1.84
CA ARG B 114 1.74 -4.58 0.94
C ARG B 114 1.43 -4.94 -0.50
N GLY B 115 1.18 -6.21 -0.80
CA GLY B 115 0.90 -6.62 -2.16
C GLY B 115 2.12 -6.99 -2.98
N TRP B 116 3.27 -7.18 -2.34
CA TRP B 116 4.48 -7.51 -3.08
C TRP B 116 4.53 -8.99 -3.44
N LEU B 117 4.14 -9.86 -2.52
CA LEU B 117 4.10 -11.30 -2.72
C LEU B 117 2.66 -11.76 -2.88
N LYS B 118 2.49 -13.08 -2.88
CA LYS B 118 1.21 -13.72 -2.60
C LYS B 118 1.43 -14.74 -1.51
N ALA B 119 0.40 -14.94 -0.69
CA ALA B 119 0.56 -15.76 0.51
C ALA B 119 0.90 -17.21 0.14
N PRO B 120 1.90 -17.81 0.77
CA PRO B 120 2.27 -19.18 0.42
C PRO B 120 1.37 -20.20 1.10
N ASP B 121 1.56 -21.46 0.71
CA ASP B 121 0.81 -22.57 1.29
C ASP B 121 1.56 -23.21 2.46
N ALA B 122 2.89 -23.17 2.46
CA ALA B 122 3.71 -23.66 3.55
C ALA B 122 4.59 -22.51 4.02
N PRO B 123 4.04 -21.60 4.84
CA PRO B 123 4.82 -20.41 5.24
C PRO B 123 6.10 -20.73 6.00
N GLY B 124 6.28 -21.96 6.47
CA GLY B 124 7.49 -22.33 7.16
C GLY B 124 8.62 -22.83 6.29
N THR B 125 8.34 -23.11 5.02
CA THR B 125 9.36 -23.61 4.10
C THR B 125 9.56 -22.74 2.87
N ALA B 126 8.60 -21.90 2.51
CA ALA B 126 8.68 -21.11 1.29
C ALA B 126 9.90 -20.19 1.32
N ARG B 127 10.43 -19.90 0.14
CA ARG B 127 11.62 -19.09 -0.02
C ARG B 127 11.27 -17.82 -0.79
N ILE B 128 12.12 -16.81 -0.63
CA ILE B 128 11.95 -15.52 -1.31
C ILE B 128 13.25 -15.19 -2.05
N HIS B 129 13.13 -14.86 -3.33
CA HIS B 129 14.27 -14.47 -4.15
C HIS B 129 14.18 -12.99 -4.48
N ARG B 130 15.29 -12.27 -4.33
CA ARG B 130 15.35 -10.85 -4.59
C ARG B 130 16.50 -10.54 -5.53
N THR B 131 16.27 -9.60 -6.44
CA THR B 131 17.32 -9.06 -7.31
C THR B 131 17.33 -7.54 -7.10
N ALA B 132 18.38 -7.04 -6.46
CA ALA B 132 18.44 -5.64 -6.07
C ALA B 132 19.80 -5.06 -6.40
N MET B 133 19.83 -3.76 -6.63
CA MET B 133 21.06 -3.00 -6.84
C MET B 133 21.38 -2.18 -5.61
N LEU B 134 22.59 -2.35 -5.08
CA LEU B 134 23.07 -1.55 -3.97
C LEU B 134 23.82 -0.33 -4.50
N VAL B 135 23.63 0.80 -3.82
CA VAL B 135 24.35 2.04 -4.14
C VAL B 135 24.93 2.53 -2.83
N ILE B 136 26.20 2.24 -2.60
CA ILE B 136 26.85 2.48 -1.30
C ILE B 136 27.72 3.71 -1.41
N ARG B 137 27.42 4.72 -0.61
CA ARG B 137 28.24 5.92 -0.48
C ARG B 137 28.96 5.88 0.86
N MET B 138 30.25 6.24 0.85
CA MET B 138 31.09 6.15 2.02
C MET B 138 31.91 7.42 2.19
N ASP B 139 32.29 7.70 3.43
CA ASP B 139 33.18 8.81 3.74
C ASP B 139 34.63 8.36 3.59
N ALA B 140 35.57 9.27 3.86
CA ALA B 140 36.98 9.00 3.63
C ALA B 140 37.48 7.82 4.47
N SER B 141 36.86 7.59 5.63
CA SER B 141 37.26 6.45 6.45
C SER B 141 36.80 5.13 5.86
N GLY B 142 35.63 5.11 5.21
CA GLY B 142 35.05 3.89 4.68
C GLY B 142 33.75 3.49 5.33
N LEU B 143 33.27 4.21 6.34
CA LEU B 143 32.00 3.89 6.97
C LEU B 143 30.85 4.28 6.04
N ILE B 144 29.95 3.34 5.79
CA ILE B 144 28.79 3.57 4.93
C ILE B 144 27.92 4.66 5.54
N ARG B 145 27.95 5.85 4.92
CA ARG B 145 27.15 6.97 5.39
C ARG B 145 25.75 6.99 4.79
N HIS B 146 25.53 6.29 3.68
CA HIS B 146 24.22 6.21 3.04
C HIS B 146 24.20 5.03 2.07
N LEU B 147 23.17 4.19 2.14
CA LEU B 147 23.07 3.01 1.29
C LEU B 147 21.68 2.97 0.66
N LYS B 148 21.62 3.19 -0.65
CA LYS B 148 20.38 3.02 -1.39
C LYS B 148 20.33 1.60 -1.96
N SER B 149 19.14 1.00 -1.91
CA SER B 149 18.92 -0.36 -2.41
C SER B 149 17.67 -0.36 -3.28
N TYR B 150 17.87 -0.49 -4.59
CA TYR B 150 16.78 -0.40 -5.55
C TYR B 150 16.27 -1.79 -5.89
N TRP B 151 14.98 -2.02 -5.65
CA TRP B 151 14.30 -3.25 -6.05
C TRP B 151 12.80 -3.05 -5.90
N GLY B 152 12.03 -3.68 -6.79
CA GLY B 152 10.59 -3.54 -6.79
C GLY B 152 9.86 -4.87 -6.70
N THR B 153 8.56 -4.85 -7.03
CA THR B 153 7.76 -6.06 -6.99
C THR B 153 7.97 -6.95 -8.21
N SER B 154 8.48 -6.41 -9.31
CA SER B 154 8.87 -7.21 -10.46
C SER B 154 10.26 -7.81 -10.30
N ASP B 155 11.01 -7.38 -9.29
CA ASP B 155 12.30 -7.94 -8.95
C ASP B 155 12.23 -8.87 -7.75
N LEU B 156 11.03 -9.37 -7.44
CA LEU B 156 10.79 -10.11 -6.22
C LEU B 156 9.78 -11.22 -6.50
N SER B 157 10.14 -12.44 -6.11
CA SER B 157 9.26 -13.58 -6.32
C SER B 157 8.03 -13.47 -5.43
N GLY B 158 7.02 -14.29 -5.75
CA GLY B 158 5.83 -14.37 -4.92
C GLY B 158 4.52 -14.28 -5.65
N GLY B 159 4.48 -13.58 -6.79
CA GLY B 159 3.27 -13.48 -7.56
C GLY B 159 3.04 -12.15 -8.25
N SER B 160 2.97 -11.08 -7.46
CA SER B 160 2.73 -9.75 -8.00
C SER B 160 3.94 -9.21 -8.75
N PRO B 162 5.06 -6.39 -14.08
CA PRO B 162 3.94 -6.52 -13.14
C PRO B 162 3.89 -5.35 -12.17
N ALA B 163 2.95 -4.42 -12.35
CA ALA B 163 1.89 -4.25 -13.36
C ALA B 163 2.48 -3.97 -14.75
N PRO B 164 1.68 -3.99 -15.83
CA PRO B 164 2.26 -3.63 -17.13
C PRO B 164 2.55 -2.15 -17.28
N ASP B 165 2.37 -1.37 -16.22
CA ASP B 165 2.94 -0.02 -16.15
C ASP B 165 4.43 -0.11 -15.84
N GLU B 166 4.77 -0.77 -14.73
CA GLU B 166 6.18 -0.97 -14.38
C GLU B 166 6.91 -1.81 -15.42
N ALA B 167 6.19 -2.67 -16.13
CA ALA B 167 6.81 -3.45 -17.20
C ALA B 167 7.31 -2.56 -18.32
N ALA B 168 6.53 -1.54 -18.68
CA ALA B 168 6.94 -0.63 -19.75
C ALA B 168 8.10 0.26 -19.31
N ARG B 169 8.13 0.66 -18.03
CA ARG B 169 9.21 1.53 -17.57
C ARG B 169 10.53 0.78 -17.47
N LYS B 170 10.50 -0.50 -17.11
CA LYS B 170 11.70 -1.32 -17.20
C LYS B 170 12.22 -1.40 -18.62
N GLN B 171 11.32 -1.61 -19.58
CA GLN B 171 11.72 -1.80 -20.97
C GLN B 171 12.41 -0.55 -21.54
N MET B 172 12.11 0.62 -20.99
CA MET B 172 12.77 1.84 -21.43
C MET B 172 14.29 1.71 -21.41
N ALA B 173 14.82 1.05 -20.37
CA ALA B 173 16.26 0.82 -20.32
C ALA B 173 16.72 -0.08 -21.45
N VAL B 174 15.93 -1.11 -21.78
CA VAL B 174 16.27 -1.97 -22.91
C VAL B 174 16.06 -1.23 -24.22
N ASP B 175 15.04 -0.36 -24.28
CA ASP B 175 14.83 0.46 -25.46
C ASP B 175 16.03 1.37 -25.72
N TYR B 176 16.61 1.92 -24.66
CA TYR B 176 17.80 2.76 -24.80
C TYR B 176 18.91 2.04 -25.56
N ALA B 177 19.24 0.82 -25.13
CA ALA B 177 20.32 0.07 -25.76
C ALA B 177 19.99 -0.24 -27.22
N GLU B 178 18.72 -0.53 -27.51
CA GLU B 178 18.36 -0.89 -28.88
C GLU B 178 18.51 0.28 -29.83
N ARG B 179 18.10 1.47 -29.41
CA ARG B 179 18.18 2.63 -30.30
C ARG B 179 19.64 3.05 -30.53
N ILE B 180 20.46 3.03 -29.49
CA ILE B 180 21.85 3.45 -29.64
C ILE B 180 22.67 2.38 -30.36
N ASN B 181 22.27 1.11 -30.26
CA ASN B 181 22.97 0.06 -30.97
C ASN B 181 22.75 0.13 -32.48
N ALA B 182 21.72 0.84 -32.92
CA ALA B 182 21.43 1.03 -34.34
C ALA B 182 21.76 2.42 -34.83
N GLY B 183 22.25 3.31 -33.96
CA GLY B 183 22.56 4.67 -34.36
C GLY B 183 21.38 5.61 -34.36
N ASP B 184 20.22 5.18 -33.88
CA ASP B 184 19.02 6.01 -33.85
C ASP B 184 19.18 7.02 -32.70
N ILE B 185 19.96 8.06 -32.99
CA ILE B 185 20.31 9.04 -31.96
C ILE B 185 19.08 9.83 -31.53
N GLU B 186 18.23 10.23 -32.48
CA GLU B 186 17.02 10.95 -32.12
C GLU B 186 16.08 10.08 -31.28
N GLY B 187 16.08 8.77 -31.50
CA GLY B 187 15.28 7.88 -30.67
C GLY B 187 15.78 7.81 -29.24
N VAL B 188 17.11 7.79 -29.07
CA VAL B 188 17.68 7.83 -27.73
C VAL B 188 17.28 9.13 -27.02
N LEU B 189 17.25 10.23 -27.76
CA LEU B 189 16.92 11.52 -27.17
C LEU B 189 15.44 11.61 -26.79
N ASP B 190 14.56 10.93 -27.53
CA ASP B 190 13.13 10.97 -27.25
C ASP B 190 12.77 10.30 -25.92
N LEU B 191 13.69 9.55 -25.33
CA LEU B 191 13.41 8.87 -24.06
C LEU B 191 13.62 9.76 -22.84
N PHE B 192 14.03 11.00 -23.04
CA PHE B 192 14.30 11.91 -21.93
C PHE B 192 13.55 13.22 -22.16
N THR B 193 13.45 14.01 -21.09
CA THR B 193 12.91 15.35 -21.19
C THR B 193 13.96 16.27 -21.83
N ASP B 194 13.56 17.51 -22.10
CA ASP B 194 14.51 18.53 -22.51
C ASP B 194 15.24 19.13 -21.30
N ASP B 195 14.62 19.04 -20.13
CA ASP B 195 15.21 19.41 -18.85
C ASP B 195 16.41 18.53 -18.52
N ILE B 196 16.54 17.38 -19.20
CA ILE B 196 17.42 16.27 -18.84
C ILE B 196 18.79 16.72 -18.34
N VAL B 197 19.24 16.13 -17.24
CA VAL B 197 20.62 16.22 -16.78
C VAL B 197 21.20 14.81 -16.84
N PHE B 198 22.33 14.65 -17.54
CA PHE B 198 22.88 13.33 -17.86
C PHE B 198 24.32 13.28 -17.36
N GLU B 199 24.51 12.76 -16.15
CA GLU B 199 25.86 12.56 -15.62
C GLU B 199 26.45 11.28 -16.19
N ASP B 200 27.64 11.40 -16.79
CA ASP B 200 28.28 10.26 -17.43
C ASP B 200 29.75 10.60 -17.69
N PRO B 201 30.67 10.15 -16.82
CA PRO B 201 30.44 9.37 -15.60
C PRO B 201 30.08 10.25 -14.41
N VAL B 202 29.58 9.66 -13.33
CA VAL B 202 29.32 10.41 -12.11
C VAL B 202 30.66 10.83 -11.51
N GLY B 203 30.95 12.12 -11.53
CA GLY B 203 32.23 12.62 -11.05
C GLY B 203 32.72 13.80 -11.88
N ARG B 204 32.42 13.78 -13.17
CA ARG B 204 32.71 14.86 -14.10
C ARG B 204 31.46 15.70 -14.32
N PRO B 205 31.59 16.92 -14.83
CA PRO B 205 30.41 17.81 -14.94
C PRO B 205 29.32 17.19 -15.80
N PRO B 206 28.07 17.29 -15.36
CA PRO B 206 26.99 16.64 -16.09
C PRO B 206 26.63 17.39 -17.37
N MET B 207 26.16 16.64 -18.36
CA MET B 207 25.64 17.23 -19.58
C MET B 207 24.20 17.64 -19.37
N VAL B 208 23.87 18.86 -19.75
CA VAL B 208 22.55 19.45 -19.52
C VAL B 208 21.92 19.77 -20.85
N GLY B 209 20.68 19.36 -21.03
CA GLY B 209 19.95 19.64 -22.25
C GLY B 209 20.16 18.60 -23.32
N LYS B 210 19.18 18.49 -24.22
CA LYS B 210 19.26 17.51 -25.31
C LYS B 210 20.34 17.86 -26.32
N ASP B 211 20.81 19.12 -26.33
CA ASP B 211 21.89 19.48 -27.23
C ASP B 211 23.23 18.93 -26.74
N ASP B 212 23.49 19.03 -25.44
CA ASP B 212 24.68 18.41 -24.88
C ASP B 212 24.63 16.90 -25.04
N LEU B 213 23.43 16.31 -24.95
CA LEU B 213 23.30 14.87 -25.04
C LEU B 213 23.40 14.38 -26.48
N ARG B 214 22.82 15.12 -27.42
CA ARG B 214 22.95 14.74 -28.83
C ARG B 214 24.41 14.72 -29.26
N ARG B 215 25.21 15.66 -28.75
CA ARG B 215 26.64 15.65 -29.05
C ARG B 215 27.31 14.44 -28.41
N HIS B 216 26.87 14.06 -27.21
CA HIS B 216 27.41 12.87 -26.56
C HIS B 216 27.13 11.62 -27.37
N LEU B 217 25.87 11.45 -27.80
CA LEU B 217 25.50 10.25 -28.54
C LEU B 217 26.17 10.22 -29.92
N GLU B 218 26.42 11.38 -30.52
CA GLU B 218 27.11 11.40 -31.81
C GLU B 218 28.55 10.91 -31.68
N LEU B 219 29.22 11.27 -30.58
CA LEU B 219 30.54 10.72 -30.32
C LEU B 219 30.46 9.21 -30.11
N ALA B 220 29.40 8.75 -29.44
CA ALA B 220 29.27 7.32 -29.15
C ALA B 220 29.19 6.49 -30.42
N VAL B 221 28.26 6.83 -31.31
CA VAL B 221 28.10 6.08 -32.55
C VAL B 221 29.36 6.14 -33.39
N SER B 222 30.14 7.22 -33.27
CA SER B 222 31.32 7.40 -34.10
C SER B 222 32.42 6.39 -33.74
N CYS B 223 32.73 6.27 -32.45
CA CYS B 223 33.78 5.34 -32.03
C CYS B 223 33.27 3.93 -31.85
N GLY B 224 32.02 3.65 -32.23
CA GLY B 224 31.53 2.29 -32.33
C GLY B 224 31.13 1.60 -31.04
N THR B 225 30.25 2.23 -30.26
CA THR B 225 29.78 1.60 -29.04
C THR B 225 28.61 0.67 -29.33
N HIS B 226 28.35 -0.22 -28.37
CA HIS B 226 27.31 -1.24 -28.49
C HIS B 226 26.98 -1.78 -27.10
N GLU B 227 25.73 -1.65 -26.67
CA GLU B 227 25.34 -1.90 -25.29
C GLU B 227 24.62 -3.25 -25.16
N VAL B 228 24.95 -3.98 -24.10
CA VAL B 228 24.26 -5.23 -23.75
C VAL B 228 23.86 -5.15 -22.29
N PRO B 229 22.60 -4.80 -21.98
CA PRO B 229 22.20 -4.65 -20.59
C PRO B 229 21.78 -5.98 -19.96
N ASP B 230 22.23 -6.18 -18.72
CA ASP B 230 21.65 -7.21 -17.88
C ASP B 230 20.22 -6.81 -17.50
N PRO B 231 19.38 -7.76 -17.10
CA PRO B 231 17.98 -7.44 -16.77
C PRO B 231 17.90 -6.33 -15.75
N PRO B 232 17.18 -5.26 -16.07
CA PRO B 232 17.15 -4.08 -15.19
C PRO B 232 16.22 -4.28 -14.00
N MET B 233 16.45 -3.43 -12.99
CA MET B 233 15.61 -3.36 -11.81
C MET B 233 15.00 -1.97 -11.70
N THR B 234 14.11 -1.81 -10.73
CA THR B 234 13.41 -0.54 -10.52
C THR B 234 13.38 -0.23 -9.04
N SER B 235 12.96 1.00 -8.73
CA SER B 235 12.64 1.35 -7.36
C SER B 235 11.26 0.80 -7.01
N MET B 236 10.95 0.80 -5.71
CA MET B 236 9.66 0.28 -5.26
C MET B 236 8.51 1.12 -5.78
N ASP B 237 8.75 2.40 -6.05
CA ASP B 237 7.72 3.34 -6.49
C ASP B 237 7.76 3.65 -7.98
N ASP B 238 8.65 3.00 -8.73
CA ASP B 238 8.81 3.20 -10.18
C ASP B 238 9.28 4.61 -10.53
N ARG B 239 9.83 5.35 -9.57
CA ARG B 239 10.45 6.63 -9.91
C ARG B 239 11.80 6.46 -10.58
N PHE B 240 12.47 5.32 -10.37
CA PHE B 240 13.79 5.07 -10.90
C PHE B 240 13.82 3.75 -11.65
N VAL B 241 14.71 3.68 -12.65
CA VAL B 241 15.03 2.45 -13.37
C VAL B 241 16.53 2.25 -13.33
N VAL B 242 16.96 1.05 -12.95
CA VAL B 242 18.37 0.73 -12.73
C VAL B 242 18.82 -0.17 -13.87
N THR B 243 19.87 0.25 -14.58
CA THR B 243 20.33 -0.45 -15.77
C THR B 243 21.81 -0.80 -15.67
N PRO B 244 22.15 -2.06 -15.38
CA PRO B 244 23.54 -2.52 -15.55
C PRO B 244 23.79 -2.89 -17.00
N THR B 245 24.69 -2.16 -17.65
CA THR B 245 25.03 -2.40 -19.05
C THR B 245 26.50 -2.76 -19.19
N THR B 246 26.81 -3.45 -20.28
CA THR B 246 28.19 -3.81 -20.64
C THR B 246 28.43 -3.28 -22.05
N VAL B 247 29.02 -2.09 -22.14
CA VAL B 247 29.23 -1.40 -23.41
C VAL B 247 30.66 -1.61 -23.86
N THR B 248 30.83 -1.97 -25.12
CA THR B 248 32.14 -2.10 -25.75
C THR B 248 32.26 -1.07 -26.87
N VAL B 249 33.47 -0.55 -27.03
CA VAL B 249 33.76 0.43 -28.08
C VAL B 249 34.81 -0.14 -29.01
N GLN B 250 34.76 0.28 -30.27
CA GLN B 250 35.78 -0.07 -31.25
C GLN B 250 36.87 0.97 -31.35
N ARG B 251 36.63 2.18 -30.85
CA ARG B 251 37.57 3.28 -30.86
C ARG B 251 37.40 4.07 -29.56
N PRO B 252 38.46 4.73 -29.06
CA PRO B 252 39.85 4.86 -29.56
C PRO B 252 40.55 3.54 -29.90
N ARG B 253 40.28 2.50 -29.12
CA ARG B 253 40.69 1.14 -29.46
C ARG B 253 39.81 0.20 -28.65
N PRO B 254 39.67 -1.08 -29.08
CA PRO B 254 38.76 -2.00 -28.39
C PRO B 254 38.83 -1.95 -26.88
N MET B 255 37.71 -1.59 -26.24
CA MET B 255 37.61 -1.54 -24.79
C MET B 255 36.27 -2.11 -24.35
N THR B 256 36.12 -2.30 -23.04
CA THR B 256 34.91 -2.88 -22.46
C THR B 256 34.63 -2.19 -21.13
N PHE B 257 33.47 -1.54 -21.04
CA PHE B 257 33.05 -0.85 -19.84
C PHE B 257 32.09 -1.72 -19.05
N ARG B 258 32.18 -1.66 -17.73
CA ARG B 258 31.21 -2.28 -16.83
C ARG B 258 30.51 -1.15 -16.09
N ILE B 259 29.21 -0.95 -16.39
CA ILE B 259 28.48 0.24 -15.97
C ILE B 259 27.18 -0.20 -15.31
N VAL B 260 26.65 0.68 -14.45
CA VAL B 260 25.28 0.60 -13.97
C VAL B 260 24.71 2.01 -13.92
N GLY B 261 23.58 2.22 -14.59
CA GLY B 261 22.96 3.52 -14.67
C GLY B 261 21.71 3.60 -13.81
N ILE B 262 21.46 4.79 -13.25
CA ILE B 262 20.28 5.06 -12.45
C ILE B 262 19.52 6.19 -13.13
N VAL B 263 18.25 5.94 -13.46
CA VAL B 263 17.44 6.85 -14.27
C VAL B 263 16.26 7.33 -13.43
N GLU B 264 16.17 8.65 -13.24
CA GLU B 264 14.99 9.25 -12.63
C GLU B 264 13.97 9.54 -13.73
N LEU B 265 12.71 9.21 -13.47
CA LEU B 265 11.64 9.36 -14.45
C LEU B 265 10.62 10.38 -13.95
N ASP B 266 10.10 11.19 -14.88
CA ASP B 266 9.08 12.17 -14.55
C ASP B 266 7.69 11.53 -14.50
N GLU B 267 6.65 12.35 -14.61
CA GLU B 267 5.28 11.83 -14.52
C GLU B 267 4.97 10.86 -15.64
N HIS B 268 5.37 11.19 -16.86
CA HIS B 268 4.97 10.45 -18.05
C HIS B 268 5.97 9.38 -18.46
N GLY B 269 6.91 9.02 -17.58
CA GLY B 269 7.87 7.98 -17.89
C GLY B 269 9.00 8.41 -18.80
N LEU B 270 9.47 9.64 -18.65
CA LEU B 270 10.57 10.17 -19.45
C LEU B 270 11.82 10.32 -18.59
N GLY B 271 12.98 10.26 -19.24
CA GLY B 271 14.23 10.41 -18.53
C GLY B 271 14.45 11.83 -18.05
N ARG B 272 14.40 12.03 -16.72
CA ARG B 272 14.56 13.35 -16.14
C ARG B 272 16.01 13.61 -15.73
N ARG B 273 16.61 12.68 -14.98
CA ARG B 273 18.01 12.75 -14.63
C ARG B 273 18.62 11.36 -14.72
N VAL B 274 19.88 11.29 -15.15
CA VAL B 274 20.58 10.03 -15.37
C VAL B 274 21.91 10.08 -14.65
N GLN B 275 22.25 9.01 -13.93
CA GLN B 275 23.53 8.86 -13.25
C GLN B 275 24.20 7.59 -13.76
N ALA B 276 25.19 7.76 -14.63
CA ALA B 276 25.95 6.63 -15.19
C ALA B 276 27.17 6.37 -14.32
N PHE B 277 27.12 5.30 -13.53
CA PHE B 277 28.17 4.97 -12.59
C PHE B 277 29.16 4.00 -13.21
N TRP B 278 30.41 4.44 -13.37
CA TRP B 278 31.50 3.56 -13.74
C TRP B 278 32.81 4.24 -13.37
N GLY B 279 33.64 3.53 -12.60
CA GLY B 279 34.94 4.05 -12.25
C GLY B 279 35.96 3.80 -13.36
N VAL B 280 37.14 4.40 -13.17
CA VAL B 280 38.23 4.19 -14.12
C VAL B 280 38.65 2.72 -14.13
N THR B 281 38.63 2.07 -12.96
CA THR B 281 38.95 0.66 -12.85
C THR B 281 37.84 -0.25 -13.40
N ASP B 282 36.82 0.31 -14.06
CA ASP B 282 35.76 -0.49 -14.68
C ASP B 282 35.86 -0.52 -16.20
N VAL B 283 36.86 0.16 -16.79
CA VAL B 283 37.13 0.09 -18.21
C VAL B 283 38.30 -0.85 -18.43
N THR B 284 38.27 -1.58 -19.55
CA THR B 284 39.23 -2.66 -19.75
C THR B 284 39.57 -2.79 -21.23
N MET B 285 40.87 -2.87 -21.52
CA MET B 285 41.34 -3.16 -22.86
C MET B 285 41.19 -4.65 -23.16
N ASP B 286 40.86 -4.97 -24.41
CA ASP B 286 40.71 -6.35 -24.82
C ASP B 286 41.25 -6.59 -26.23
N ARG C 15 51.63 -14.04 -36.47
CA ARG C 15 51.66 -14.63 -37.81
C ARG C 15 52.51 -13.79 -38.76
N HIS C 16 53.82 -14.01 -38.75
CA HIS C 16 54.49 -15.00 -37.90
C HIS C 16 55.34 -14.29 -36.85
N MET C 17 56.09 -13.27 -37.28
CA MET C 17 56.90 -12.50 -36.37
C MET C 17 56.02 -11.66 -35.45
N ASN C 18 56.21 -11.81 -34.14
CA ASN C 18 55.43 -11.06 -33.17
C ASN C 18 55.77 -9.57 -33.27
N GLU C 19 54.83 -8.75 -32.82
CA GLU C 19 55.09 -7.31 -32.72
C GLU C 19 56.20 -7.03 -31.73
N PHE C 20 56.18 -7.72 -30.58
CA PHE C 20 57.29 -7.63 -29.63
C PHE C 20 58.57 -8.15 -30.25
N ALA C 21 58.47 -9.20 -31.07
CA ALA C 21 59.66 -9.80 -31.68
C ALA C 21 60.35 -8.83 -32.63
N ARG C 22 59.58 -8.20 -33.53
CA ARG C 22 60.17 -7.27 -34.47
C ARG C 22 60.81 -6.08 -33.76
N LYS C 23 60.28 -5.70 -32.60
CA LYS C 23 60.88 -4.62 -31.82
C LYS C 23 62.23 -5.04 -31.27
N LYS C 24 62.30 -6.24 -30.69
CA LYS C 24 63.55 -6.71 -30.09
C LYS C 24 64.65 -6.87 -31.13
N ARG C 25 64.27 -7.09 -32.40
CA ARG C 25 65.27 -7.23 -33.44
C ARG C 25 65.76 -5.88 -33.96
N ALA C 26 64.90 -4.87 -33.97
CA ALA C 26 65.33 -3.52 -34.32
C ALA C 26 66.41 -3.04 -33.35
N LEU C 27 66.26 -3.35 -32.08
CA LEU C 27 67.31 -3.07 -31.12
C LEU C 27 68.53 -3.95 -31.36
N GLU C 28 68.30 -5.19 -31.78
CA GLU C 28 69.40 -6.11 -32.10
C GLU C 28 70.26 -5.56 -33.22
N HIS C 29 69.63 -4.98 -34.25
CA HIS C 29 70.38 -4.42 -35.37
C HIS C 29 71.36 -3.35 -34.89
N SER C 30 70.87 -2.35 -34.17
CA SER C 30 71.76 -1.32 -33.63
C SER C 30 72.70 -1.87 -32.57
N ARG C 31 72.28 -2.93 -31.87
CA ARG C 31 73.16 -3.55 -30.88
C ARG C 31 74.35 -4.23 -31.55
N ARG C 32 74.16 -4.77 -32.76
CA ARG C 32 75.25 -5.41 -33.47
C ARG C 32 76.16 -4.38 -34.15
N ILE C 33 75.61 -3.25 -34.58
CA ILE C 33 76.44 -2.18 -35.13
C ILE C 33 77.38 -1.64 -34.06
N ASN C 34 76.87 -1.49 -32.83
CA ASN C 34 77.71 -1.01 -31.73
C ASN C 34 78.84 -1.98 -31.43
N ALA C 35 78.59 -3.28 -31.57
CA ALA C 35 79.59 -4.31 -31.30
C ALA C 35 80.80 -4.14 -32.20
N GLY C 36 80.65 -4.43 -33.48
CA GLY C 36 81.74 -4.24 -34.42
C GLY C 36 81.84 -5.30 -35.49
N ASP C 37 81.56 -6.55 -35.14
CA ASP C 37 81.67 -7.67 -36.07
C ASP C 37 80.73 -7.46 -37.25
N LEU C 38 81.30 -7.21 -38.43
CA LEU C 38 80.48 -6.94 -39.62
C LEU C 38 79.71 -8.19 -40.06
N ASP C 39 80.34 -9.36 -39.97
CA ASP C 39 79.66 -10.59 -40.35
C ASP C 39 78.45 -10.85 -39.46
N ALA C 40 78.49 -10.39 -38.22
CA ALA C 40 77.31 -10.50 -37.35
C ALA C 40 76.20 -9.57 -37.82
N ILE C 41 76.56 -8.35 -38.24
CA ILE C 41 75.56 -7.41 -38.76
C ILE C 41 74.91 -7.97 -40.01
N ILE C 42 75.72 -8.57 -40.89
CA ILE C 42 75.23 -9.00 -42.19
C ILE C 42 74.36 -10.25 -42.10
N ASP C 43 74.54 -11.05 -41.04
CA ASP C 43 73.67 -12.21 -40.84
C ASP C 43 72.22 -11.83 -40.62
N LEU C 44 71.95 -10.60 -40.17
CA LEU C 44 70.59 -10.13 -39.99
C LEU C 44 69.89 -9.80 -41.31
N TYR C 45 70.63 -9.72 -42.41
CA TYR C 45 70.07 -9.32 -43.70
C TYR C 45 69.85 -10.54 -44.60
N ALA C 46 68.81 -10.44 -45.43
CA ALA C 46 68.53 -11.48 -46.40
C ALA C 46 69.54 -11.42 -47.55
N PRO C 47 69.66 -12.49 -48.34
CA PRO C 47 70.65 -12.49 -49.43
C PRO C 47 70.55 -11.30 -50.37
N ASP C 48 69.34 -10.89 -50.74
CA ASP C 48 69.14 -9.77 -51.66
C ASP C 48 68.36 -8.65 -50.99
N ALA C 49 68.71 -8.34 -49.74
CA ALA C 49 68.08 -7.23 -49.03
C ALA C 49 68.47 -5.91 -49.65
N VAL C 50 67.55 -4.94 -49.59
CA VAL C 50 67.72 -3.63 -50.20
C VAL C 50 67.76 -2.58 -49.09
N LEU C 51 68.73 -1.68 -49.17
CA LEU C 51 68.95 -0.67 -48.13
C LEU C 51 69.07 0.70 -48.77
N GLU C 52 68.40 1.69 -48.18
CA GLU C 52 68.54 3.09 -48.57
C GLU C 52 69.01 3.86 -47.35
N ASP C 53 70.30 4.17 -47.30
CA ASP C 53 70.88 4.95 -46.20
C ASP C 53 71.80 6.01 -46.81
N PRO C 54 71.34 7.26 -46.95
CA PRO C 54 70.01 7.78 -46.57
C PRO C 54 68.93 7.51 -47.62
N VAL C 55 67.67 7.70 -47.25
CA VAL C 55 66.58 7.63 -48.21
C VAL C 55 66.65 8.86 -49.11
N GLY C 56 66.74 8.63 -50.42
CA GLY C 56 66.93 9.70 -51.37
C GLY C 56 68.08 9.39 -52.31
N LEU C 57 69.01 8.56 -51.84
CA LEU C 57 70.12 8.07 -52.64
C LEU C 57 69.76 6.71 -53.22
N PRO C 58 70.43 6.28 -54.29
CA PRO C 58 70.10 5.00 -54.90
C PRO C 58 70.26 3.87 -53.90
N PRO C 59 69.47 2.80 -54.04
CA PRO C 59 69.50 1.71 -53.05
C PRO C 59 70.81 0.95 -53.02
N VAL C 60 70.91 -0.01 -52.11
CA VAL C 60 72.10 -0.83 -51.91
C VAL C 60 71.62 -2.26 -51.70
N THR C 61 71.90 -3.14 -52.66
CA THR C 61 71.30 -4.46 -52.71
C THR C 61 72.35 -5.55 -52.49
N GLY C 62 71.92 -6.66 -51.92
CA GLY C 62 72.76 -7.84 -51.76
C GLY C 62 73.80 -7.72 -50.69
N HIS C 63 74.28 -8.86 -50.18
CA HIS C 63 75.33 -8.85 -49.18
C HIS C 63 76.63 -8.24 -49.70
N ASP C 64 76.79 -8.15 -51.03
CA ASP C 64 77.96 -7.50 -51.59
C ASP C 64 78.00 -6.02 -51.24
N ALA C 65 76.96 -5.28 -51.65
CA ALA C 65 76.96 -3.84 -51.46
C ALA C 65 76.70 -3.46 -50.00
N LEU C 66 76.05 -4.33 -49.22
CA LEU C 66 75.84 -4.03 -47.80
C LEU C 66 77.17 -3.96 -47.05
N ARG C 67 78.00 -5.00 -47.20
CA ARG C 67 79.30 -5.01 -46.53
C ARG C 67 80.16 -3.85 -46.99
N ALA C 68 80.09 -3.50 -48.28
CA ALA C 68 80.84 -2.35 -48.79
C ALA C 68 80.34 -1.04 -48.23
N HIS C 69 79.08 -0.98 -47.79
CA HIS C 69 78.52 0.24 -47.23
C HIS C 69 78.82 0.39 -45.75
N TYR C 70 78.85 -0.72 -45.00
CA TYR C 70 79.01 -0.67 -43.55
C TYR C 70 80.47 -0.68 -43.11
N GLU C 71 81.38 -1.23 -43.92
CA GLU C 71 82.79 -1.27 -43.53
C GLU C 71 83.38 0.12 -43.30
N PRO C 72 83.22 1.11 -44.20
CA PRO C 72 83.75 2.44 -43.89
C PRO C 72 83.11 3.07 -42.66
N LEU C 73 81.85 2.74 -42.37
CA LEU C 73 81.21 3.27 -41.17
C LEU C 73 81.83 2.66 -39.91
N LEU C 74 82.18 1.37 -39.97
CA LEU C 74 82.83 0.74 -38.82
C LEU C 74 84.22 1.28 -38.57
N ALA C 75 84.88 1.79 -39.62
CA ALA C 75 86.24 2.31 -39.47
C ALA C 75 86.25 3.53 -38.55
N ALA C 76 85.26 4.40 -38.66
CA ALA C 76 85.18 5.60 -37.84
C ALA C 76 84.62 5.33 -36.45
N HIS C 77 84.48 4.06 -36.06
CA HIS C 77 83.96 3.66 -34.75
C HIS C 77 82.55 4.22 -34.54
N LEU C 78 81.63 3.67 -35.32
CA LEU C 78 80.24 4.10 -35.27
C LEU C 78 79.59 3.66 -33.97
N ARG C 79 78.94 4.59 -33.28
CA ARG C 79 78.29 4.32 -32.00
C ARG C 79 76.86 4.82 -32.08
N GLU C 80 75.90 3.90 -31.96
CA GLU C 80 74.48 4.21 -32.11
C GLU C 80 73.79 4.12 -30.76
N GLU C 81 72.93 5.10 -30.48
CA GLU C 81 72.09 5.09 -29.28
C GLU C 81 70.64 5.01 -29.75
N ALA C 82 69.99 3.88 -29.48
CA ALA C 82 68.66 3.60 -29.99
C ALA C 82 67.59 4.03 -29.01
N ALA C 83 66.50 4.56 -29.54
CA ALA C 83 65.30 4.82 -28.76
C ALA C 83 64.41 3.58 -28.76
N GLU C 84 63.50 3.52 -27.79
CA GLU C 84 62.61 2.38 -27.69
C GLU C 84 61.75 2.29 -28.95
N PRO C 85 61.83 1.19 -29.70
CA PRO C 85 61.23 1.16 -31.04
C PRO C 85 59.71 1.07 -30.97
N VAL C 86 59.09 1.29 -32.13
CA VAL C 86 57.66 1.07 -32.33
C VAL C 86 57.50 0.04 -33.43
N ALA C 87 56.43 -0.74 -33.33
CA ALA C 87 56.14 -1.80 -34.29
C ALA C 87 55.04 -1.36 -35.25
N GLY C 88 54.72 -2.24 -36.19
CA GLY C 88 53.66 -1.98 -37.14
C GLY C 88 52.65 -3.11 -37.13
N GLN C 89 51.40 -2.74 -37.34
CA GLN C 89 50.29 -3.70 -37.33
C GLN C 89 50.12 -4.38 -38.69
N ASP C 90 51.24 -4.83 -39.27
CA ASP C 90 51.18 -5.55 -40.54
C ASP C 90 52.18 -6.69 -40.62
N ALA C 91 52.68 -7.17 -39.47
CA ALA C 91 53.51 -8.36 -39.35
C ALA C 91 54.83 -8.27 -40.12
N THR C 92 55.25 -7.06 -40.50
CA THR C 92 56.48 -6.92 -41.27
C THR C 92 57.34 -5.75 -40.79
N HIS C 93 56.72 -4.63 -40.45
CA HIS C 93 57.45 -3.40 -40.22
C HIS C 93 57.79 -3.19 -38.75
N ALA C 94 58.88 -2.46 -38.51
CA ALA C 94 59.26 -1.96 -37.21
C ALA C 94 60.11 -0.72 -37.43
N LEU C 95 59.92 0.29 -36.59
CA LEU C 95 60.63 1.56 -36.72
C LEU C 95 61.35 1.89 -35.43
N ILE C 96 62.51 2.53 -35.57
CA ILE C 96 63.36 2.87 -34.44
C ILE C 96 64.21 4.07 -34.81
N GLN C 97 64.37 4.99 -33.88
CA GLN C 97 65.21 6.17 -34.09
C GLN C 97 66.62 5.88 -33.61
N ILE C 98 67.61 6.36 -34.37
CA ILE C 98 69.00 6.04 -34.15
C ILE C 98 69.80 7.33 -34.09
N SER C 99 70.45 7.57 -32.95
CA SER C 99 71.39 8.68 -32.80
C SER C 99 72.80 8.10 -32.88
N SER C 100 73.53 8.48 -33.92
CA SER C 100 74.84 7.94 -34.21
C SER C 100 75.92 8.99 -34.04
N VAL C 101 77.14 8.52 -33.78
CA VAL C 101 78.32 9.38 -33.77
C VAL C 101 79.51 8.56 -34.24
N MET C 102 80.31 9.15 -35.13
CA MET C 102 81.50 8.49 -35.66
C MET C 102 82.57 9.54 -35.89
N ASP C 103 83.80 9.07 -36.08
CA ASP C 103 84.90 9.96 -36.44
C ASP C 103 84.64 10.55 -37.83
N TYR C 104 85.28 11.70 -38.10
CA TYR C 104 85.14 12.31 -39.41
C TYR C 104 85.68 11.40 -40.50
N LEU C 105 86.94 10.99 -40.37
CA LEU C 105 87.50 10.05 -41.33
C LEU C 105 86.95 8.65 -41.08
N PRO C 106 86.70 7.86 -42.13
CA PRO C 106 86.96 8.14 -43.55
C PRO C 106 85.77 8.62 -44.35
N VAL C 107 84.54 8.53 -43.84
CA VAL C 107 83.36 8.82 -44.64
C VAL C 107 83.09 10.33 -44.72
N GLY C 108 83.68 11.12 -43.82
CA GLY C 108 83.51 12.55 -43.80
C GLY C 108 83.67 13.27 -45.13
N PRO C 109 84.83 13.10 -45.77
CA PRO C 109 85.05 13.79 -47.06
C PRO C 109 84.05 13.41 -48.13
N LEU C 110 83.56 12.15 -48.13
CA LEU C 110 82.51 11.79 -49.06
C LEU C 110 81.25 12.60 -48.80
N TYR C 111 80.90 12.79 -47.53
CA TYR C 111 79.80 13.68 -47.19
C TYR C 111 80.09 15.12 -47.64
N ALA C 112 81.32 15.57 -47.43
CA ALA C 112 81.69 16.94 -47.80
C ALA C 112 81.65 17.14 -49.31
N GLU C 113 82.05 16.11 -50.07
CA GLU C 113 81.98 16.19 -51.52
C GLU C 113 80.54 16.23 -52.02
N ARG C 114 79.58 15.84 -51.19
CA ARG C 114 78.17 15.89 -51.54
C ARG C 114 77.50 17.20 -51.11
N GLY C 115 78.21 18.04 -50.35
CA GLY C 115 77.66 19.28 -49.85
C GLY C 115 76.96 19.17 -48.52
N TRP C 116 76.91 17.97 -47.92
CA TRP C 116 76.19 17.77 -46.67
C TRP C 116 76.94 18.31 -45.46
N LEU C 117 78.24 18.56 -45.59
CA LEU C 117 79.07 19.03 -44.48
C LEU C 117 79.86 20.27 -44.92
N LYS C 118 80.60 20.81 -43.97
CA LYS C 118 81.74 21.68 -44.23
C LYS C 118 82.97 20.99 -43.66
N ALA C 119 84.04 20.96 -44.45
CA ALA C 119 85.24 20.24 -44.03
C ALA C 119 85.81 20.87 -42.76
N PRO C 120 86.08 20.08 -41.72
CA PRO C 120 86.58 20.66 -40.47
C PRO C 120 88.05 21.03 -40.56
N ASP C 121 88.44 21.99 -39.72
CA ASP C 121 89.84 22.36 -39.63
C ASP C 121 90.67 21.28 -38.95
N ALA C 122 90.04 20.32 -38.27
CA ALA C 122 90.72 19.21 -37.63
C ALA C 122 90.03 17.92 -38.03
N PRO C 123 90.28 17.44 -39.26
CA PRO C 123 89.61 16.21 -39.72
C PRO C 123 89.94 14.99 -38.89
N GLY C 124 91.16 14.91 -38.33
CA GLY C 124 91.56 13.73 -37.58
C GLY C 124 90.90 13.62 -36.22
N THR C 125 90.45 14.74 -35.64
CA THR C 125 89.83 14.73 -34.33
C THR C 125 88.35 15.07 -34.36
N ALA C 126 87.81 15.47 -35.51
CA ALA C 126 86.40 15.82 -35.60
C ALA C 126 85.53 14.57 -35.58
N ARG C 127 84.30 14.74 -35.08
CA ARG C 127 83.30 13.67 -35.07
C ARG C 127 82.01 14.18 -35.68
N ILE C 128 81.24 13.25 -36.25
CA ILE C 128 80.00 13.57 -36.95
C ILE C 128 78.84 12.94 -36.18
N HIS C 129 77.78 13.73 -35.97
CA HIS C 129 76.58 13.26 -35.30
C HIS C 129 75.43 13.16 -36.29
N ARG C 130 74.66 12.08 -36.20
CA ARG C 130 73.52 11.85 -37.08
C ARG C 130 72.33 11.38 -36.26
N THR C 131 71.15 11.87 -36.61
CA THR C 131 69.88 11.44 -36.01
C THR C 131 68.99 10.95 -37.15
N ALA C 132 68.79 9.63 -37.22
CA ALA C 132 68.08 9.03 -38.33
C ALA C 132 66.93 8.18 -37.82
N MET C 133 66.00 7.87 -38.73
CA MET C 133 64.86 7.00 -38.46
C MET C 133 64.99 5.76 -39.34
N LEU C 134 65.15 4.60 -38.70
CA LEU C 134 65.21 3.34 -39.43
C LEU C 134 63.81 2.75 -39.58
N VAL C 135 63.45 2.40 -40.81
CA VAL C 135 62.19 1.75 -41.10
C VAL C 135 62.52 0.38 -41.67
N ILE C 136 62.31 -0.67 -40.87
CA ILE C 136 62.79 -2.01 -41.17
C ILE C 136 61.61 -2.86 -41.60
N ARG C 137 61.71 -3.45 -42.80
CA ARG C 137 60.77 -4.46 -43.28
C ARG C 137 61.45 -5.82 -43.19
N MET C 138 60.83 -6.75 -42.49
CA MET C 138 61.40 -8.05 -42.22
C MET C 138 60.54 -9.16 -42.82
N ASP C 139 61.14 -10.35 -42.94
CA ASP C 139 60.43 -11.52 -43.39
C ASP C 139 59.56 -12.08 -42.27
N ALA C 140 58.84 -13.16 -42.58
CA ALA C 140 58.21 -13.94 -41.52
C ALA C 140 59.23 -14.66 -40.67
N SER C 141 60.42 -14.94 -41.23
CA SER C 141 61.51 -15.51 -40.46
C SER C 141 62.25 -14.47 -39.62
N GLY C 142 62.13 -13.19 -39.97
CA GLY C 142 62.80 -12.13 -39.24
C GLY C 142 63.97 -11.51 -39.97
N LEU C 143 64.32 -11.99 -41.16
CA LEU C 143 65.46 -11.44 -41.88
C LEU C 143 65.08 -10.12 -42.55
N ILE C 144 65.87 -9.08 -42.30
CA ILE C 144 65.59 -7.76 -42.87
C ILE C 144 65.67 -7.84 -44.38
N ARG C 145 64.54 -7.55 -45.04
CA ARG C 145 64.47 -7.57 -46.50
C ARG C 145 64.57 -6.20 -47.14
N HIS C 146 64.15 -5.15 -46.43
CA HIS C 146 64.23 -3.80 -46.93
C HIS C 146 64.35 -2.85 -45.74
N LEU C 147 65.32 -1.95 -45.79
CA LEU C 147 65.59 -1.02 -44.70
C LEU C 147 65.72 0.39 -45.26
N LYS C 148 64.78 1.25 -44.89
CA LYS C 148 64.84 2.67 -45.22
C LYS C 148 65.35 3.45 -44.02
N SER C 149 66.37 4.27 -44.23
CA SER C 149 66.98 5.08 -43.18
C SER C 149 66.78 6.55 -43.54
N TYR C 150 65.81 7.19 -42.89
CA TYR C 150 65.45 8.57 -43.19
C TYR C 150 66.33 9.52 -42.38
N TRP C 151 67.08 10.37 -43.09
CA TRP C 151 67.76 11.50 -42.47
C TRP C 151 68.19 12.45 -43.57
N GLY C 152 68.49 13.68 -43.19
CA GLY C 152 68.90 14.70 -44.14
C GLY C 152 70.04 15.58 -43.64
N THR C 153 70.32 16.66 -44.36
CA THR C 153 71.42 17.54 -43.98
C THR C 153 71.16 18.23 -42.65
N SER C 154 69.89 18.46 -42.33
CA SER C 154 69.53 19.06 -41.05
C SER C 154 69.75 18.12 -39.87
N ASP C 155 69.86 16.81 -40.13
CA ASP C 155 70.03 15.81 -39.08
C ASP C 155 71.47 15.36 -38.94
N LEU C 156 72.43 16.20 -39.37
CA LEU C 156 73.81 15.75 -39.53
C LEU C 156 74.75 16.93 -39.28
N SER C 157 75.75 16.71 -38.43
CA SER C 157 76.63 17.77 -38.00
C SER C 157 77.45 18.31 -39.16
N GLY C 158 78.18 19.39 -38.90
CA GLY C 158 78.84 20.13 -39.96
C GLY C 158 77.86 21.13 -40.55
N GLY C 159 78.28 22.40 -40.62
CA GLY C 159 77.35 23.45 -40.99
C GLY C 159 76.82 23.28 -42.40
N SER C 160 75.61 23.78 -42.61
CA SER C 160 75.01 23.85 -43.94
C SER C 160 74.00 25.00 -44.02
N GLY C 161 73.00 25.04 -43.12
CA GLY C 161 72.58 24.11 -42.08
C GLY C 161 71.30 23.45 -42.54
N PRO C 162 70.19 23.75 -41.86
CA PRO C 162 68.88 23.43 -42.44
C PRO C 162 68.42 24.54 -43.38
N ALA C 163 68.10 24.15 -44.62
CA ALA C 163 67.69 25.13 -45.61
C ALA C 163 66.42 25.85 -45.14
N PRO C 164 66.20 27.09 -45.56
CA PRO C 164 64.98 27.80 -45.14
C PRO C 164 63.72 27.29 -45.81
N ASP C 165 63.84 26.40 -46.80
CA ASP C 165 62.73 25.61 -47.27
C ASP C 165 62.70 24.22 -46.65
N GLU C 166 63.87 23.63 -46.38
CA GLU C 166 63.92 22.35 -45.68
C GLU C 166 63.36 22.46 -44.27
N ALA C 167 63.85 23.44 -43.50
CA ALA C 167 63.37 23.62 -42.13
C ALA C 167 61.87 23.89 -42.10
N ALA C 168 61.34 24.50 -43.15
CA ALA C 168 59.89 24.74 -43.22
C ALA C 168 59.13 23.43 -43.41
N ARG C 169 59.66 22.51 -44.21
CA ARG C 169 59.00 21.22 -44.39
C ARG C 169 59.07 20.38 -43.12
N LYS C 170 60.17 20.48 -42.37
CA LYS C 170 60.21 19.88 -41.05
C LYS C 170 59.14 20.46 -40.14
N GLN C 171 58.86 21.76 -40.27
CA GLN C 171 57.96 22.42 -39.33
C GLN C 171 56.52 21.92 -39.48
N MET C 172 56.12 21.52 -40.69
CA MET C 172 54.77 21.01 -40.90
C MET C 172 54.43 19.90 -39.93
N ALA C 173 55.43 19.07 -39.58
CA ALA C 173 55.23 18.05 -38.56
C ALA C 173 54.84 18.66 -37.22
N VAL C 174 55.42 19.82 -36.89
CA VAL C 174 55.10 20.47 -35.63
C VAL C 174 53.83 21.30 -35.75
N ASP C 175 53.60 21.92 -36.92
CA ASP C 175 52.36 22.64 -37.14
C ASP C 175 51.15 21.73 -36.97
N TYR C 176 51.25 20.48 -37.45
CA TYR C 176 50.14 19.56 -37.36
C TYR C 176 49.69 19.35 -35.92
N ALA C 177 50.65 19.04 -35.03
CA ALA C 177 50.29 18.78 -33.64
C ALA C 177 49.77 20.04 -32.96
N GLU C 178 50.41 21.18 -33.21
CA GLU C 178 49.95 22.43 -32.60
C GLU C 178 48.50 22.71 -32.93
N ARG C 179 48.10 22.47 -34.18
CA ARG C 179 46.74 22.76 -34.61
C ARG C 179 45.73 21.75 -34.07
N ILE C 180 46.13 20.49 -33.92
CA ILE C 180 45.20 19.50 -33.39
C ILE C 180 45.11 19.59 -31.87
N ASN C 181 46.17 20.07 -31.20
CA ASN C 181 46.09 20.32 -29.77
C ASN C 181 45.11 21.43 -29.42
N ALA C 182 44.82 22.33 -30.37
CA ALA C 182 43.91 23.44 -30.14
C ALA C 182 42.54 23.23 -30.76
N GLY C 183 42.30 22.08 -31.38
CA GLY C 183 41.05 21.84 -32.07
C GLY C 183 40.94 22.49 -33.43
N ASP C 184 42.05 22.98 -33.99
CA ASP C 184 42.06 23.63 -35.30
C ASP C 184 41.97 22.53 -36.37
N ILE C 185 40.74 22.11 -36.65
CA ILE C 185 40.52 21.00 -37.56
C ILE C 185 40.79 21.43 -39.00
N GLU C 186 40.19 22.54 -39.43
CA GLU C 186 40.46 23.06 -40.77
C GLU C 186 41.92 23.43 -40.94
N GLY C 187 42.60 23.84 -39.85
CA GLY C 187 44.01 24.13 -39.93
C GLY C 187 44.85 22.90 -40.18
N VAL C 188 44.42 21.74 -39.68
CA VAL C 188 45.15 20.50 -39.93
C VAL C 188 44.92 20.03 -41.36
N LEU C 189 43.68 20.10 -41.84
CA LEU C 189 43.38 19.66 -43.21
C LEU C 189 44.08 20.54 -44.24
N ASP C 190 44.35 21.80 -43.90
CA ASP C 190 45.07 22.68 -44.81
C ASP C 190 46.51 22.24 -45.05
N LEU C 191 47.03 21.31 -44.24
CA LEU C 191 48.40 20.84 -44.37
C LEU C 191 48.54 19.71 -45.38
N PHE C 192 47.45 19.17 -45.89
CA PHE C 192 47.48 18.03 -46.80
C PHE C 192 46.71 18.35 -48.07
N THR C 193 46.78 17.44 -49.03
CA THR C 193 46.09 17.59 -50.30
C THR C 193 44.66 17.07 -50.19
N ASP C 194 43.90 17.21 -51.28
CA ASP C 194 42.56 16.63 -51.34
C ASP C 194 42.60 15.12 -51.52
N ASP C 195 43.57 14.62 -52.31
CA ASP C 195 43.78 13.20 -52.49
C ASP C 195 44.57 12.57 -51.35
N ILE C 196 44.45 13.11 -50.14
CA ILE C 196 45.25 12.65 -49.01
C ILE C 196 44.90 11.20 -48.70
N VAL C 197 45.93 10.38 -48.52
CA VAL C 197 45.80 8.99 -48.08
C VAL C 197 46.46 8.88 -46.72
N PHE C 198 45.69 8.53 -45.70
CA PHE C 198 46.14 8.57 -44.31
C PHE C 198 46.00 7.16 -43.72
N GLU C 199 47.12 6.46 -43.58
CA GLU C 199 47.14 5.13 -42.97
C GLU C 199 47.36 5.30 -41.47
N ASP C 200 46.29 5.13 -40.69
CA ASP C 200 46.35 5.27 -39.25
C ASP C 200 45.51 4.15 -38.63
N PRO C 201 46.14 3.07 -38.17
CA PRO C 201 47.59 2.78 -38.22
C PRO C 201 47.98 2.17 -39.55
N VAL C 202 49.26 1.88 -39.75
CA VAL C 202 49.67 1.08 -40.90
C VAL C 202 49.26 -0.37 -40.64
N GLY C 203 48.62 -0.99 -41.64
CA GLY C 203 48.12 -2.34 -41.51
C GLY C 203 46.61 -2.45 -41.50
N ARG C 204 45.90 -1.33 -41.59
CA ARG C 204 44.45 -1.31 -41.67
C ARG C 204 44.06 -0.34 -42.79
N PRO C 205 42.86 -0.47 -43.35
CA PRO C 205 42.52 0.30 -44.56
C PRO C 205 42.68 1.79 -44.36
N PRO C 206 43.32 2.48 -45.31
CA PRO C 206 43.64 3.90 -45.12
C PRO C 206 42.44 4.80 -45.31
N MET C 207 42.54 5.98 -44.72
CA MET C 207 41.57 7.04 -44.94
C MET C 207 41.95 7.82 -46.19
N VAL C 208 40.97 8.09 -47.05
CA VAL C 208 41.18 8.80 -48.30
C VAL C 208 40.30 10.04 -48.31
N GLY C 209 40.84 11.14 -48.81
CA GLY C 209 40.11 12.39 -48.87
C GLY C 209 40.03 13.07 -47.51
N LYS C 210 39.81 14.39 -47.56
CA LYS C 210 39.70 15.15 -46.33
C LYS C 210 38.41 14.86 -45.59
N ASP C 211 37.32 14.55 -46.32
CA ASP C 211 36.04 14.28 -45.67
C ASP C 211 36.16 13.12 -44.68
N ASP C 212 36.86 12.06 -45.07
CA ASP C 212 37.08 10.95 -44.15
C ASP C 212 38.04 11.35 -43.02
N LEU C 213 39.12 12.05 -43.37
CA LEU C 213 40.09 12.46 -42.36
C LEU C 213 39.52 13.51 -41.42
N ARG C 214 38.64 14.38 -41.91
CA ARG C 214 38.02 15.39 -41.05
C ARG C 214 37.20 14.74 -39.95
N ARG C 215 36.51 13.65 -40.27
CA ARG C 215 35.78 12.89 -39.25
C ARG C 215 36.73 12.27 -38.25
N HIS C 216 37.92 11.84 -38.71
CA HIS C 216 38.92 11.27 -37.81
C HIS C 216 39.35 12.28 -36.75
N LEU C 217 39.54 13.53 -37.16
CA LEU C 217 40.05 14.54 -36.24
C LEU C 217 38.98 15.02 -35.26
N GLU C 218 37.71 15.02 -35.68
CA GLU C 218 36.64 15.43 -34.76
C GLU C 218 36.55 14.46 -33.58
N LEU C 219 36.76 13.17 -33.83
CA LEU C 219 36.78 12.20 -32.74
C LEU C 219 38.12 12.18 -32.02
N ALA C 220 39.16 12.79 -32.62
CA ALA C 220 40.40 13.00 -31.89
C ALA C 220 40.26 14.12 -30.87
N VAL C 221 39.69 15.26 -31.27
CA VAL C 221 39.53 16.38 -30.36
C VAL C 221 38.53 16.04 -29.26
N SER C 222 37.52 15.22 -29.56
CA SER C 222 36.50 14.91 -28.56
C SER C 222 37.08 14.08 -27.42
N CYS C 223 38.00 13.15 -27.73
CA CYS C 223 38.61 12.31 -26.72
C CYS C 223 39.73 13.00 -25.96
N GLY C 224 40.05 14.26 -26.29
CA GLY C 224 41.06 15.00 -25.58
C GLY C 224 42.48 14.67 -26.01
N THR C 225 42.70 14.63 -27.32
CA THR C 225 44.00 14.28 -27.87
C THR C 225 44.99 15.42 -27.72
N HIS C 226 46.23 15.07 -27.39
CA HIS C 226 47.32 16.05 -27.27
C HIS C 226 48.61 15.37 -27.68
N GLU C 227 49.28 15.92 -28.69
CA GLU C 227 50.49 15.33 -29.25
C GLU C 227 51.70 16.18 -28.90
N VAL C 228 52.82 15.51 -28.64
CA VAL C 228 54.09 16.19 -28.42
C VAL C 228 55.13 15.59 -29.36
N PRO C 229 55.42 16.23 -30.49
CA PRO C 229 56.38 15.67 -31.45
C PRO C 229 57.81 15.85 -30.99
N ASP C 230 58.61 14.81 -31.21
CA ASP C 230 60.04 14.89 -31.03
C ASP C 230 60.66 15.66 -32.19
N PRO C 231 61.92 16.09 -32.06
CA PRO C 231 62.61 16.69 -33.20
C PRO C 231 62.51 15.82 -34.43
N PRO C 232 61.86 16.30 -35.49
CA PRO C 232 61.60 15.45 -36.65
C PRO C 232 62.81 15.36 -37.56
N MET C 233 62.70 14.46 -38.54
CA MET C 233 63.71 14.25 -39.56
C MET C 233 63.04 14.24 -40.92
N THR C 234 63.87 14.30 -41.96
CA THR C 234 63.40 14.26 -43.34
C THR C 234 64.18 13.20 -44.11
N SER C 235 63.85 13.05 -45.38
CA SER C 235 64.72 12.31 -46.28
C SER C 235 65.80 13.25 -46.82
N MET C 236 66.74 12.68 -47.58
CA MET C 236 67.79 13.52 -48.14
C MET C 236 67.26 14.39 -49.27
N ASP C 237 66.19 13.97 -49.94
CA ASP C 237 65.57 14.73 -51.02
C ASP C 237 64.37 15.56 -50.59
N ASP C 238 64.01 15.52 -49.30
CA ASP C 238 62.94 16.31 -48.71
C ASP C 238 61.56 15.92 -49.20
N ARG C 239 61.40 14.71 -49.74
CA ARG C 239 60.07 14.24 -50.11
C ARG C 239 59.33 13.64 -48.93
N PHE C 240 60.04 13.17 -47.91
CA PHE C 240 59.43 12.54 -46.74
C PHE C 240 59.88 13.28 -45.48
N VAL C 241 58.91 13.74 -44.70
CA VAL C 241 59.15 14.25 -43.35
C VAL C 241 58.76 13.15 -42.37
N VAL C 242 59.64 12.87 -41.41
CA VAL C 242 59.44 11.78 -40.47
C VAL C 242 59.36 12.39 -39.08
N THR C 243 58.18 12.28 -38.45
CA THR C 243 57.95 12.85 -37.13
C THR C 243 57.53 11.78 -36.13
N PRO C 244 58.31 11.51 -35.09
CA PRO C 244 57.81 10.70 -33.98
C PRO C 244 57.01 11.56 -33.01
N THR C 245 55.87 11.03 -32.59
CA THR C 245 55.00 11.72 -31.65
C THR C 245 54.66 10.82 -30.49
N THR C 246 54.38 11.43 -29.33
CA THR C 246 53.86 10.73 -28.16
C THR C 246 52.48 11.30 -27.89
N VAL C 247 51.45 10.60 -28.36
CA VAL C 247 50.09 11.10 -28.39
C VAL C 247 49.31 10.55 -27.21
N THR C 248 48.69 11.44 -26.44
CA THR C 248 47.90 11.08 -25.28
C THR C 248 46.44 11.47 -25.49
N VAL C 249 45.55 10.74 -24.83
CA VAL C 249 44.13 11.06 -24.80
C VAL C 249 43.66 10.95 -23.35
N GLN C 250 42.57 11.65 -23.06
CA GLN C 250 42.00 11.68 -21.71
C GLN C 250 40.74 10.84 -21.56
N ARG C 251 39.93 10.73 -22.61
CA ARG C 251 38.67 10.02 -22.55
C ARG C 251 38.69 8.82 -23.49
N PRO C 252 38.14 7.67 -23.06
CA PRO C 252 37.45 7.40 -21.79
C PRO C 252 38.38 7.20 -20.60
N ARG C 253 39.68 7.04 -20.85
CA ARG C 253 40.65 6.80 -19.79
C ARG C 253 42.00 7.26 -20.29
N PRO C 254 42.85 7.86 -19.45
CA PRO C 254 44.15 8.34 -19.92
C PRO C 254 44.98 7.24 -20.56
N MET C 255 45.28 7.41 -21.85
CA MET C 255 46.13 6.50 -22.58
C MET C 255 47.28 7.28 -23.21
N THR C 256 48.25 6.53 -23.76
CA THR C 256 49.44 7.14 -24.33
C THR C 256 49.89 6.31 -25.51
N PHE C 257 49.72 6.84 -26.72
CA PHE C 257 50.22 6.20 -27.93
C PHE C 257 51.63 6.69 -28.23
N ARG C 258 52.48 5.79 -28.71
CA ARG C 258 53.84 6.12 -29.13
C ARG C 258 53.97 5.76 -30.61
N ILE C 259 54.08 6.79 -31.45
CA ILE C 259 53.86 6.67 -32.88
C ILE C 259 55.04 7.29 -33.64
N VAL C 260 55.25 6.82 -34.86
CA VAL C 260 56.23 7.38 -35.79
C VAL C 260 55.53 7.53 -37.14
N GLY C 261 55.22 8.76 -37.52
CA GLY C 261 54.56 9.02 -38.78
C GLY C 261 55.53 9.41 -39.89
N ILE C 262 55.20 9.02 -41.11
CA ILE C 262 56.01 9.31 -42.30
C ILE C 262 55.11 10.01 -43.31
N VAL C 263 55.51 11.19 -43.75
CA VAL C 263 54.69 12.06 -44.59
C VAL C 263 55.40 12.29 -45.91
N GLU C 264 54.80 11.85 -47.00
CA GLU C 264 55.30 12.15 -48.33
C GLU C 264 54.69 13.46 -48.81
N LEU C 265 55.53 14.36 -49.31
CA LEU C 265 55.11 15.69 -49.72
C LEU C 265 55.01 15.77 -51.25
N ASP C 266 54.38 16.85 -51.71
CA ASP C 266 54.13 17.08 -53.13
C ASP C 266 55.05 18.17 -53.68
N GLU C 267 54.67 18.71 -54.84
CA GLU C 267 55.49 19.74 -55.49
C GLU C 267 55.59 20.99 -54.65
N HIS C 268 54.53 21.35 -53.93
CA HIS C 268 54.48 22.60 -53.19
C HIS C 268 54.91 22.45 -51.74
N GLY C 269 54.44 21.40 -51.06
CA GLY C 269 54.79 21.18 -49.67
C GLY C 269 53.64 20.62 -48.86
N LEU C 270 52.62 20.12 -49.53
CA LEU C 270 51.46 19.54 -48.87
C LEU C 270 51.65 18.05 -48.66
N GLY C 271 50.91 17.50 -47.69
CA GLY C 271 50.99 16.08 -47.39
C GLY C 271 50.17 15.23 -48.34
N ARG C 272 50.84 14.43 -49.15
CA ARG C 272 50.14 13.57 -50.10
C ARG C 272 49.73 12.24 -49.46
N ARG C 273 50.61 11.65 -48.68
CA ARG C 273 50.35 10.37 -48.03
C ARG C 273 50.98 10.37 -46.65
N VAL C 274 50.29 9.74 -45.69
CA VAL C 274 50.77 9.65 -44.32
C VAL C 274 50.70 8.19 -43.89
N GLN C 275 51.81 7.67 -43.38
CA GLN C 275 51.88 6.33 -42.80
C GLN C 275 52.14 6.49 -41.30
N ALA C 276 51.08 6.35 -40.50
CA ALA C 276 51.18 6.46 -39.05
C ALA C 276 51.54 5.10 -38.49
N PHE C 277 52.83 4.89 -38.23
CA PHE C 277 53.33 3.60 -37.76
C PHE C 277 53.19 3.52 -36.24
N TRP C 278 52.33 2.62 -35.77
CA TRP C 278 52.27 2.28 -34.36
C TRP C 278 51.58 0.93 -34.24
N GLY C 279 51.96 0.17 -33.21
CA GLY C 279 51.44 -1.16 -32.99
C GLY C 279 50.56 -1.23 -31.74
N VAL C 280 49.85 -2.35 -31.63
CA VAL C 280 49.02 -2.60 -30.46
C VAL C 280 49.87 -2.69 -29.20
N THR C 281 51.14 -3.07 -29.35
CA THR C 281 52.08 -3.11 -28.24
C THR C 281 52.66 -1.75 -27.90
N ASP C 282 52.09 -0.67 -28.44
CA ASP C 282 52.59 0.68 -28.19
C ASP C 282 51.60 1.56 -27.43
N VAL C 283 50.41 1.06 -27.13
CA VAL C 283 49.40 1.82 -26.39
C VAL C 283 49.52 1.47 -24.91
N THR C 284 49.32 2.46 -24.04
CA THR C 284 49.65 2.33 -22.63
C THR C 284 48.59 2.99 -21.77
N MET C 285 48.23 2.33 -20.67
CA MET C 285 47.42 2.92 -19.62
C MET C 285 48.30 3.59 -18.58
N ASP C 286 47.79 4.68 -18.01
CA ASP C 286 48.52 5.40 -16.97
C ASP C 286 47.57 6.07 -15.99
N HIS D 16 -44.70 0.36 39.85
CA HIS D 16 -43.92 -0.26 40.91
C HIS D 16 -44.57 -1.54 41.40
N MET D 17 -43.84 -2.34 42.18
CA MET D 17 -44.36 -3.62 42.66
C MET D 17 -45.09 -3.45 44.00
N ASN D 18 -45.80 -2.35 44.17
CA ASN D 18 -46.89 -2.32 45.11
C ASN D 18 -48.17 -2.86 44.47
N GLU D 19 -48.15 -3.00 43.15
CA GLU D 19 -49.22 -3.71 42.44
C GLU D 19 -49.32 -5.15 42.93
N PHE D 20 -48.18 -5.82 43.11
CA PHE D 20 -48.16 -7.17 43.65
C PHE D 20 -48.93 -7.24 44.97
N ALA D 21 -48.76 -6.23 45.82
CA ALA D 21 -49.48 -6.20 47.10
C ALA D 21 -50.97 -6.02 46.89
N ARG D 22 -51.36 -5.09 46.01
CA ARG D 22 -52.78 -4.87 45.76
C ARG D 22 -53.43 -6.10 45.13
N LYS D 23 -52.68 -6.85 44.33
CA LYS D 23 -53.22 -8.08 43.76
C LYS D 23 -53.43 -9.14 44.84
N LYS D 24 -52.49 -9.24 45.80
CA LYS D 24 -52.62 -10.23 46.85
C LYS D 24 -53.85 -9.99 47.71
N ARG D 25 -54.15 -8.72 48.00
CA ARG D 25 -55.33 -8.41 48.80
C ARG D 25 -56.62 -8.73 48.06
N ALA D 26 -56.65 -8.48 46.75
CA ALA D 26 -57.83 -8.81 45.96
C ALA D 26 -58.13 -10.31 46.01
N LEU D 27 -57.08 -11.13 45.98
CA LEU D 27 -57.29 -12.57 46.18
C LEU D 27 -57.70 -12.87 47.62
N GLU D 28 -57.18 -12.10 48.58
CA GLU D 28 -57.54 -12.31 49.98
C GLU D 28 -59.02 -12.04 50.22
N HIS D 29 -59.55 -10.98 49.60
CA HIS D 29 -60.97 -10.70 49.73
C HIS D 29 -61.81 -11.85 49.21
N SER D 30 -61.39 -12.45 48.09
CA SER D 30 -62.07 -13.64 47.59
C SER D 30 -61.81 -14.85 48.48
N ARG D 31 -60.67 -14.86 49.18
CA ARG D 31 -60.37 -15.96 50.09
C ARG D 31 -61.18 -15.88 51.38
N ARG D 32 -61.49 -14.67 51.85
CA ARG D 32 -62.28 -14.53 53.07
C ARG D 32 -63.77 -14.72 52.81
N ILE D 33 -64.23 -14.41 51.60
CA ILE D 33 -65.59 -14.79 51.22
C ILE D 33 -65.72 -16.31 51.20
N ASN D 34 -64.64 -16.99 50.77
CA ASN D 34 -64.61 -18.45 50.84
C ASN D 34 -64.66 -18.93 52.30
N ALA D 35 -63.98 -18.21 53.19
CA ALA D 35 -63.93 -18.61 54.59
C ALA D 35 -65.31 -18.55 55.23
N GLY D 36 -65.92 -17.37 55.22
CA GLY D 36 -67.26 -17.17 55.77
C GLY D 36 -67.33 -16.26 56.97
N ASP D 37 -66.23 -16.06 57.68
CA ASP D 37 -66.22 -15.17 58.83
C ASP D 37 -66.55 -13.74 58.40
N LEU D 38 -67.77 -13.29 58.70
CA LEU D 38 -68.23 -11.99 58.23
C LEU D 38 -67.36 -10.87 58.79
N ASP D 39 -66.82 -11.07 60.00
CA ASP D 39 -65.95 -10.06 60.60
C ASP D 39 -64.58 -10.03 59.91
N ALA D 40 -64.05 -11.21 59.57
CA ALA D 40 -62.75 -11.25 58.91
C ALA D 40 -62.81 -10.56 57.54
N ILE D 41 -63.92 -10.71 56.83
CA ILE D 41 -64.08 -10.04 55.54
C ILE D 41 -64.09 -8.53 55.73
N ILE D 42 -64.80 -8.05 56.75
CA ILE D 42 -65.00 -6.62 56.92
C ILE D 42 -63.76 -5.94 57.47
N ASP D 43 -62.88 -6.69 58.14
CA ASP D 43 -61.58 -6.13 58.53
C ASP D 43 -60.77 -5.67 57.32
N LEU D 44 -61.19 -6.03 56.10
CA LEU D 44 -60.52 -5.59 54.88
C LEU D 44 -61.03 -4.23 54.40
N TYR D 45 -62.23 -3.83 54.81
CA TYR D 45 -62.83 -2.58 54.37
C TYR D 45 -62.54 -1.47 55.36
N ALA D 46 -62.27 -0.27 54.84
CA ALA D 46 -62.06 0.90 55.66
C ALA D 46 -63.33 1.23 56.44
N PRO D 47 -63.21 2.04 57.50
CA PRO D 47 -64.42 2.38 58.29
C PRO D 47 -65.57 2.94 57.47
N ASP D 48 -65.30 3.85 56.55
CA ASP D 48 -66.34 4.52 55.77
C ASP D 48 -66.28 4.11 54.29
N ALA D 49 -66.08 2.82 54.03
CA ALA D 49 -65.96 2.35 52.66
C ALA D 49 -67.31 2.40 51.95
N VAL D 50 -67.26 2.31 50.62
CA VAL D 50 -68.45 2.32 49.77
C VAL D 50 -68.38 1.11 48.86
N LEU D 51 -69.51 0.41 48.72
CA LEU D 51 -69.59 -0.79 47.88
C LEU D 51 -70.76 -0.65 46.92
N GLU D 52 -70.51 -0.97 45.65
CA GLU D 52 -71.53 -0.96 44.61
C GLU D 52 -71.64 -2.38 44.05
N ASP D 53 -72.51 -3.19 44.64
CA ASP D 53 -72.71 -4.57 44.24
C ASP D 53 -74.20 -4.84 44.12
N PRO D 54 -74.76 -4.83 42.90
CA PRO D 54 -74.11 -4.58 41.61
C PRO D 54 -73.97 -3.10 41.28
N VAL D 55 -73.02 -2.74 40.41
CA VAL D 55 -72.92 -1.37 39.93
C VAL D 55 -74.18 -1.04 39.14
N GLY D 56 -74.70 0.18 39.35
CA GLY D 56 -75.98 0.57 38.83
C GLY D 56 -77.08 0.57 39.87
N LEU D 57 -76.85 -0.10 41.00
CA LEU D 57 -77.73 -0.07 42.16
C LEU D 57 -77.16 0.86 43.22
N PRO D 58 -78.04 1.45 44.03
CA PRO D 58 -77.60 2.37 45.09
C PRO D 58 -76.40 1.84 45.86
N PRO D 59 -75.54 2.74 46.35
CA PRO D 59 -74.30 2.30 47.02
C PRO D 59 -74.52 1.69 48.41
N VAL D 60 -73.41 1.31 49.06
CA VAL D 60 -73.44 0.66 50.37
C VAL D 60 -72.29 1.24 51.18
N THR D 61 -72.62 2.07 52.18
CA THR D 61 -71.62 2.79 52.96
C THR D 61 -71.60 2.30 54.40
N GLY D 62 -70.40 2.18 54.95
CA GLY D 62 -70.22 1.82 56.34
C GLY D 62 -70.30 0.33 56.62
N HIS D 63 -69.63 -0.12 57.68
CA HIS D 63 -69.67 -1.53 58.04
C HIS D 63 -71.09 -2.00 58.33
N ASP D 64 -71.98 -1.09 58.75
CA ASP D 64 -73.35 -1.45 59.05
C ASP D 64 -74.04 -2.10 57.85
N ALA D 65 -74.04 -1.40 56.72
CA ALA D 65 -74.59 -1.96 55.50
C ALA D 65 -73.68 -2.99 54.84
N LEU D 66 -72.43 -3.11 55.31
CA LEU D 66 -71.55 -4.15 54.82
C LEU D 66 -71.84 -5.49 55.50
N ARG D 67 -72.01 -5.47 56.83
CA ARG D 67 -72.47 -6.68 57.54
C ARG D 67 -73.83 -7.12 57.04
N ALA D 68 -74.66 -6.18 56.58
CA ALA D 68 -75.99 -6.52 56.09
C ALA D 68 -75.98 -6.99 54.64
N HIS D 69 -75.03 -6.52 53.84
CA HIS D 69 -74.97 -6.95 52.44
C HIS D 69 -74.38 -8.36 52.31
N TYR D 70 -73.54 -8.77 53.25
CA TYR D 70 -72.88 -10.07 53.16
C TYR D 70 -73.53 -11.14 54.03
N GLU D 71 -74.39 -10.77 54.97
CA GLU D 71 -75.03 -11.79 55.82
C GLU D 71 -75.94 -12.71 55.03
N PRO D 72 -76.87 -12.24 54.20
CA PRO D 72 -77.70 -13.20 53.44
C PRO D 72 -76.92 -13.96 52.39
N LEU D 73 -75.82 -13.40 51.87
CA LEU D 73 -75.05 -14.12 50.86
C LEU D 73 -74.19 -15.20 51.49
N LEU D 74 -73.55 -14.92 52.63
CA LEU D 74 -72.83 -15.95 53.36
C LEU D 74 -73.77 -17.03 53.87
N ALA D 75 -75.06 -16.71 54.06
CA ALA D 75 -76.03 -17.72 54.47
C ALA D 75 -76.26 -18.73 53.36
N ALA D 76 -76.43 -18.25 52.12
CA ALA D 76 -76.62 -19.11 50.96
C ALA D 76 -75.35 -19.87 50.56
N HIS D 77 -74.33 -19.86 51.42
CA HIS D 77 -73.09 -20.60 51.20
C HIS D 77 -72.41 -20.13 49.91
N LEU D 78 -72.16 -18.83 49.85
CA LEU D 78 -71.51 -18.22 48.70
C LEU D 78 -70.03 -18.61 48.65
N ARG D 79 -69.59 -19.10 47.50
CA ARG D 79 -68.19 -19.39 47.27
C ARG D 79 -67.76 -18.75 45.96
N GLU D 80 -66.56 -18.15 45.97
CA GLU D 80 -66.05 -17.41 44.83
C GLU D 80 -64.89 -18.18 44.20
N GLU D 81 -64.81 -18.15 42.87
CA GLU D 81 -63.69 -18.69 42.13
C GLU D 81 -62.99 -17.52 41.45
N ALA D 82 -61.80 -17.18 41.93
CA ALA D 82 -61.11 -15.96 41.51
C ALA D 82 -60.14 -16.24 40.38
N ALA D 83 -60.05 -15.31 39.45
CA ALA D 83 -59.06 -15.35 38.40
C ALA D 83 -57.82 -14.57 38.82
N GLU D 84 -56.76 -14.70 38.04
CA GLU D 84 -55.51 -13.99 38.34
C GLU D 84 -55.76 -12.48 38.23
N PRO D 85 -55.58 -11.72 39.30
CA PRO D 85 -56.00 -10.32 39.28
C PRO D 85 -55.12 -9.47 38.38
N VAL D 86 -55.60 -8.24 38.14
CA VAL D 86 -54.91 -7.27 37.29
C VAL D 86 -54.92 -5.93 38.02
N ALA D 87 -53.75 -5.31 38.14
CA ALA D 87 -53.60 -4.06 38.85
C ALA D 87 -53.61 -2.89 37.89
N GLY D 88 -53.75 -1.69 38.46
CA GLY D 88 -53.73 -0.45 37.71
C GLY D 88 -52.51 0.38 38.07
N GLN D 89 -52.06 1.19 37.12
CA GLN D 89 -50.87 2.03 37.31
C GLN D 89 -51.23 3.36 37.98
N ASP D 90 -51.93 3.29 39.11
CA ASP D 90 -52.28 4.49 39.86
C ASP D 90 -52.24 4.27 41.37
N ALA D 91 -51.53 3.23 41.84
CA ALA D 91 -51.25 2.99 43.24
C ALA D 91 -52.47 2.60 44.07
N THR D 92 -53.67 2.82 43.55
CA THR D 92 -54.88 2.61 44.35
C THR D 92 -55.69 1.38 43.93
N HIS D 93 -55.70 1.03 42.66
CA HIS D 93 -56.69 0.09 42.14
C HIS D 93 -56.13 -1.32 41.98
N ALA D 94 -57.06 -2.28 41.98
CA ALA D 94 -56.76 -3.67 41.70
C ALA D 94 -58.05 -4.34 41.24
N LEU D 95 -57.99 -5.07 40.13
CA LEU D 95 -59.17 -5.66 39.52
C LEU D 95 -59.01 -7.18 39.46
N ILE D 96 -60.12 -7.89 39.63
CA ILE D 96 -60.12 -9.35 39.65
C ILE D 96 -61.47 -9.85 39.17
N GLN D 97 -61.44 -10.86 38.30
CA GLN D 97 -62.67 -11.48 37.82
C GLN D 97 -63.12 -12.55 38.81
N ILE D 98 -64.40 -12.51 39.17
CA ILE D 98 -64.95 -13.37 40.22
C ILE D 98 -66.13 -14.14 39.66
N SER D 99 -66.05 -15.46 39.71
CA SER D 99 -67.17 -16.35 39.43
C SER D 99 -67.64 -16.96 40.75
N SER D 100 -68.95 -16.89 40.99
CA SER D 100 -69.51 -17.29 42.28
C SER D 100 -70.70 -18.20 42.09
N VAL D 101 -70.95 -19.04 43.09
CA VAL D 101 -72.13 -19.89 43.14
C VAL D 101 -72.67 -19.86 44.57
N MET D 102 -73.99 -19.89 44.69
CA MET D 102 -74.65 -19.79 45.99
C MET D 102 -76.01 -20.47 45.92
N ASP D 103 -76.58 -20.70 47.09
CA ASP D 103 -77.93 -21.24 47.17
C ASP D 103 -78.95 -20.17 46.79
N TYR D 104 -80.07 -20.61 46.23
CA TYR D 104 -81.12 -19.69 45.80
C TYR D 104 -81.63 -18.91 47.02
N LEU D 105 -82.33 -19.60 47.92
CA LEU D 105 -82.70 -19.00 49.19
C LEU D 105 -81.43 -18.62 49.96
N PRO D 106 -81.43 -17.46 50.64
CA PRO D 106 -82.52 -16.50 50.80
C PRO D 106 -82.48 -15.32 49.83
N VAL D 107 -81.33 -15.02 49.21
CA VAL D 107 -81.23 -13.85 48.34
C VAL D 107 -81.90 -14.06 47.00
N GLY D 108 -82.25 -15.29 46.65
CA GLY D 108 -82.89 -15.61 45.40
C GLY D 108 -84.16 -14.84 45.10
N PRO D 109 -85.16 -14.94 45.97
CA PRO D 109 -86.41 -14.19 45.73
C PRO D 109 -86.22 -12.68 45.61
N LEU D 110 -85.13 -12.14 46.16
CA LEU D 110 -84.85 -10.72 45.98
C LEU D 110 -84.50 -10.42 44.52
N TYR D 111 -83.63 -11.24 43.93
CA TYR D 111 -83.35 -11.09 42.50
C TYR D 111 -84.58 -11.42 41.67
N ALA D 112 -85.35 -12.44 42.09
CA ALA D 112 -86.53 -12.83 41.34
C ALA D 112 -87.59 -11.73 41.37
N GLU D 113 -87.74 -11.06 42.51
CA GLU D 113 -88.68 -9.94 42.58
C GLU D 113 -88.24 -8.80 41.67
N ARG D 114 -86.94 -8.54 41.61
CA ARG D 114 -86.41 -7.46 40.78
C ARG D 114 -86.47 -7.77 39.29
N GLY D 115 -86.71 -9.02 38.91
CA GLY D 115 -86.71 -9.41 37.52
C GLY D 115 -85.42 -10.01 37.02
N TRP D 116 -84.41 -10.16 37.89
CA TRP D 116 -83.12 -10.71 37.47
C TRP D 116 -83.16 -12.22 37.31
N LEU D 117 -84.18 -12.88 37.86
CA LEU D 117 -84.32 -14.32 37.77
C LEU D 117 -85.77 -14.67 37.47
N LYS D 118 -85.98 -15.92 37.07
CA LYS D 118 -87.29 -16.56 37.18
C LYS D 118 -87.27 -17.47 38.40
N ALA D 119 -88.40 -17.52 39.10
CA ALA D 119 -88.47 -18.33 40.31
C ALA D 119 -88.31 -19.80 39.96
N PRO D 120 -87.37 -20.51 40.57
CA PRO D 120 -87.18 -21.92 40.25
C PRO D 120 -88.29 -22.78 40.84
N ASP D 121 -88.49 -23.94 40.21
CA ASP D 121 -89.53 -24.87 40.63
C ASP D 121 -89.15 -25.69 41.84
N ALA D 122 -87.92 -25.53 42.35
CA ALA D 122 -87.50 -26.19 43.59
C ALA D 122 -86.47 -25.29 44.28
N PRO D 123 -86.92 -24.20 44.91
CA PRO D 123 -85.98 -23.22 45.48
C PRO D 123 -85.11 -23.77 46.60
N GLY D 124 -85.40 -24.97 47.12
CA GLY D 124 -84.56 -25.54 48.15
C GLY D 124 -83.31 -26.22 47.64
N THR D 125 -83.30 -26.61 46.37
CA THR D 125 -82.15 -27.26 45.75
C THR D 125 -81.41 -26.39 44.76
N ALA D 126 -82.03 -25.31 44.27
CA ALA D 126 -81.45 -24.52 43.19
C ALA D 126 -80.23 -23.75 43.67
N ARG D 127 -79.37 -23.40 42.72
CA ARG D 127 -78.19 -22.58 42.97
C ARG D 127 -78.12 -21.46 41.94
N ILE D 128 -77.41 -20.40 42.29
CA ILE D 128 -77.27 -19.22 41.45
C ILE D 128 -75.80 -19.01 41.13
N HIS D 129 -75.47 -18.94 39.85
CA HIS D 129 -74.12 -18.66 39.40
C HIS D 129 -74.00 -17.21 38.93
N ARG D 130 -72.81 -16.65 39.14
CA ARG D 130 -72.55 -15.25 38.79
C ARG D 130 -71.13 -15.09 38.30
N THR D 131 -70.95 -14.21 37.32
CA THR D 131 -69.64 -13.78 36.87
C THR D 131 -69.59 -12.26 36.94
N ALA D 132 -68.60 -11.74 37.67
CA ALA D 132 -68.53 -10.31 37.92
C ALA D 132 -67.08 -9.85 37.91
N MET D 133 -66.90 -8.54 37.74
CA MET D 133 -65.59 -7.91 37.79
C MET D 133 -65.53 -7.01 39.01
N LEU D 134 -64.60 -7.31 39.92
CA LEU D 134 -64.38 -6.49 41.10
C LEU D 134 -63.36 -5.41 40.77
N VAL D 135 -63.74 -4.15 40.99
CA VAL D 135 -62.84 -3.01 40.84
C VAL D 135 -62.67 -2.40 42.23
N ILE D 136 -61.49 -2.59 42.81
CA ILE D 136 -61.23 -2.28 44.21
C ILE D 136 -60.31 -1.08 44.28
N ARG D 137 -60.77 -0.01 44.92
CA ARG D 137 -59.96 1.17 45.21
C ARG D 137 -59.54 1.13 46.67
N MET D 138 -58.24 1.11 46.92
CA MET D 138 -57.68 1.04 48.26
C MET D 138 -56.90 2.31 48.56
N ASP D 139 -56.47 2.43 49.81
CA ASP D 139 -55.61 3.51 50.26
C ASP D 139 -54.19 3.00 50.46
N ALA D 140 -53.34 3.84 51.05
CA ALA D 140 -51.93 3.48 51.22
C ALA D 140 -51.78 2.27 52.15
N SER D 141 -52.62 2.19 53.18
CA SER D 141 -52.51 1.08 54.12
C SER D 141 -52.91 -0.23 53.47
N GLY D 142 -53.92 -0.22 52.61
CA GLY D 142 -54.43 -1.43 51.98
C GLY D 142 -55.89 -1.72 52.27
N LEU D 143 -56.58 -0.85 53.00
CA LEU D 143 -57.99 -1.07 53.28
C LEU D 143 -58.85 -0.65 52.09
N ILE D 144 -59.87 -1.45 51.79
CA ILE D 144 -60.77 -1.16 50.69
C ILE D 144 -61.54 0.12 51.01
N ARG D 145 -61.23 1.19 50.30
CA ARG D 145 -61.98 2.44 50.46
C ARG D 145 -63.22 2.47 49.58
N HIS D 146 -63.17 1.83 48.42
CA HIS D 146 -64.30 1.83 47.50
C HIS D 146 -64.15 0.65 46.55
N LEU D 147 -65.15 -0.23 46.52
CA LEU D 147 -65.13 -1.41 45.67
C LEU D 147 -66.35 -1.38 44.76
N LYS D 148 -66.11 -1.55 43.46
CA LYS D 148 -67.16 -1.65 42.45
C LYS D 148 -67.22 -3.09 41.95
N SER D 149 -68.44 -3.63 41.88
CA SER D 149 -68.67 -4.99 41.39
C SER D 149 -69.60 -4.91 40.18
N TYR D 150 -69.07 -5.26 39.01
CA TYR D 150 -69.79 -5.13 37.75
C TYR D 150 -70.39 -6.47 37.37
N TRP D 151 -71.72 -6.54 37.32
CA TRP D 151 -72.40 -7.71 36.77
C TRP D 151 -73.85 -7.34 36.46
N GLY D 152 -74.41 -8.02 35.47
CA GLY D 152 -75.77 -7.73 35.03
C GLY D 152 -76.68 -8.93 35.04
N THR D 153 -77.75 -8.88 34.24
CA THR D 153 -78.72 -9.97 34.22
C THR D 153 -78.24 -11.15 33.39
N SER D 154 -77.56 -10.88 32.28
CA SER D 154 -76.95 -11.96 31.51
C SER D 154 -75.74 -12.56 32.22
N ASP D 155 -75.27 -11.93 33.30
CA ASP D 155 -74.22 -12.46 34.14
C ASP D 155 -74.77 -13.25 35.32
N LEU D 156 -76.05 -13.59 35.28
CA LEU D 156 -76.73 -14.26 36.37
C LEU D 156 -77.58 -15.38 35.78
N SER D 157 -77.87 -16.39 36.62
CA SER D 157 -78.64 -17.55 36.16
C SER D 157 -80.12 -17.20 36.02
N GLY D 158 -80.98 -18.20 36.23
CA GLY D 158 -82.42 -17.97 36.17
C GLY D 158 -82.98 -17.96 34.77
N GLY D 159 -82.98 -16.78 34.15
CA GLY D 159 -83.51 -16.63 32.81
C GLY D 159 -84.06 -15.24 32.54
N SER D 160 -83.18 -14.31 32.15
CA SER D 160 -83.58 -12.94 31.93
C SER D 160 -82.93 -12.38 30.67
N ALA D 163 -82.47 -6.94 27.13
CA ALA D 163 -81.99 -8.32 27.00
C ALA D 163 -81.42 -8.61 25.61
N PRO D 164 -82.15 -8.29 24.53
CA PRO D 164 -81.52 -8.31 23.20
C PRO D 164 -80.63 -7.10 22.95
N ASP D 165 -80.71 -6.08 23.81
CA ASP D 165 -79.83 -4.91 23.75
C ASP D 165 -78.55 -5.10 24.54
N GLU D 166 -78.67 -5.56 25.79
CA GLU D 166 -77.52 -5.93 26.61
C GLU D 166 -76.57 -6.83 25.82
N ALA D 167 -77.15 -7.80 25.11
CA ALA D 167 -76.37 -8.62 24.19
C ALA D 167 -75.66 -7.77 23.15
N ALA D 168 -76.36 -6.81 22.55
CA ALA D 168 -75.73 -5.96 21.55
C ALA D 168 -74.67 -5.06 22.17
N ARG D 169 -74.95 -4.53 23.36
CA ARG D 169 -73.96 -3.69 24.04
C ARG D 169 -72.76 -4.52 24.50
N LYS D 170 -72.99 -5.78 24.87
CA LYS D 170 -71.87 -6.66 25.20
C LYS D 170 -71.02 -6.98 23.98
N GLN D 171 -71.62 -6.95 22.79
CA GLN D 171 -70.92 -7.39 21.58
C GLN D 171 -69.87 -6.37 21.15
N MET D 172 -70.06 -5.08 21.43
CA MET D 172 -69.09 -4.08 21.03
C MET D 172 -67.73 -4.33 21.69
N ALA D 173 -67.73 -4.99 22.85
CA ALA D 173 -66.47 -5.43 23.45
C ALA D 173 -65.75 -6.45 22.57
N VAL D 174 -66.48 -7.13 21.70
CA VAL D 174 -65.92 -8.16 20.83
C VAL D 174 -65.71 -7.57 19.45
N ASP D 175 -66.59 -6.65 19.04
CA ASP D 175 -66.39 -5.95 17.78
C ASP D 175 -65.13 -5.09 17.80
N TYR D 176 -64.81 -4.53 18.96
CA TYR D 176 -63.53 -3.84 19.12
C TYR D 176 -62.36 -4.78 18.85
N ALA D 177 -62.44 -6.01 19.35
CA ALA D 177 -61.37 -6.97 19.15
C ALA D 177 -61.30 -7.45 17.71
N GLU D 178 -62.47 -7.68 17.09
CA GLU D 178 -62.47 -8.20 15.73
C GLU D 178 -61.84 -7.21 14.75
N ARG D 179 -62.10 -5.92 14.93
CA ARG D 179 -61.66 -4.93 13.96
C ARG D 179 -60.19 -4.54 14.16
N ILE D 180 -59.69 -4.59 15.39
CA ILE D 180 -58.29 -4.26 15.61
C ILE D 180 -57.37 -5.39 15.16
N ASN D 181 -57.84 -6.64 15.21
CA ASN D 181 -57.06 -7.75 14.65
C ASN D 181 -57.09 -7.76 13.13
N ALA D 182 -58.08 -7.09 12.53
CA ALA D 182 -58.20 -7.02 11.09
C ALA D 182 -57.50 -5.81 10.49
N GLY D 183 -57.08 -4.86 11.32
CA GLY D 183 -56.51 -3.62 10.81
C GLY D 183 -57.53 -2.59 10.41
N ASP D 184 -58.75 -2.68 10.93
CA ASP D 184 -59.84 -1.77 10.57
C ASP D 184 -59.85 -0.63 11.60
N ILE D 185 -58.97 0.34 11.38
CA ILE D 185 -58.83 1.45 12.32
C ILE D 185 -60.09 2.31 12.32
N GLU D 186 -60.65 2.59 11.14
CA GLU D 186 -61.86 3.40 11.08
C GLU D 186 -63.04 2.68 11.72
N GLY D 187 -63.15 1.36 11.52
CA GLY D 187 -64.22 0.60 12.14
C GLY D 187 -64.14 0.58 13.64
N VAL D 188 -62.93 0.68 14.20
CA VAL D 188 -62.78 0.78 15.65
C VAL D 188 -63.18 2.16 16.12
N LEU D 189 -62.81 3.20 15.38
CA LEU D 189 -63.12 4.57 15.77
C LEU D 189 -64.61 4.82 15.78
N ASP D 190 -65.36 4.15 14.90
CA ASP D 190 -66.82 4.34 14.86
C ASP D 190 -67.50 3.86 16.14
N LEU D 191 -66.84 3.00 16.92
CA LEU D 191 -67.42 2.47 18.14
C LEU D 191 -67.46 3.47 19.28
N PHE D 192 -66.93 4.68 19.10
CA PHE D 192 -66.82 5.64 20.18
C PHE D 192 -67.39 6.98 19.74
N THR D 193 -67.64 7.83 20.73
CA THR D 193 -68.07 9.19 20.47
C THR D 193 -66.87 10.07 20.10
N ASP D 194 -67.17 11.30 19.69
CA ASP D 194 -66.12 12.29 19.50
C ASP D 194 -65.62 12.85 20.83
N ASP D 195 -66.39 12.65 21.90
CA ASP D 195 -66.01 13.07 23.24
C ASP D 195 -64.99 12.12 23.88
N ILE D 196 -64.52 11.12 23.14
CA ILE D 196 -63.94 9.92 23.74
C ILE D 196 -62.73 10.27 24.58
N VAL D 197 -62.74 9.80 25.82
CA VAL D 197 -61.57 9.83 26.71
C VAL D 197 -61.10 8.40 26.89
N PHE D 198 -59.87 8.12 26.45
CA PHE D 198 -59.32 6.76 26.44
C PHE D 198 -58.15 6.69 27.40
N GLU D 199 -58.42 6.27 28.63
CA GLU D 199 -57.38 6.10 29.65
C GLU D 199 -56.68 4.77 29.40
N ASP D 200 -55.61 4.82 28.60
CA ASP D 200 -54.82 3.63 28.28
C ASP D 200 -53.34 3.97 28.45
N PRO D 201 -52.72 3.52 29.55
CA PRO D 201 -53.31 2.78 30.67
C PRO D 201 -53.92 3.72 31.70
N VAL D 202 -54.67 3.20 32.67
CA VAL D 202 -55.18 4.04 33.75
C VAL D 202 -54.00 4.51 34.59
N GLY D 203 -53.83 5.83 34.69
CA GLY D 203 -52.70 6.40 35.40
C GLY D 203 -51.95 7.40 34.55
N ARG D 204 -51.32 6.93 33.48
CA ARG D 204 -50.65 7.81 32.53
C ARG D 204 -51.69 8.63 31.76
N PRO D 205 -51.29 9.75 31.16
CA PRO D 205 -52.29 10.73 30.66
C PRO D 205 -53.24 10.13 29.65
N PRO D 206 -54.50 10.50 29.70
CA PRO D 206 -55.51 9.87 28.83
C PRO D 206 -55.56 10.53 27.46
N MET D 207 -55.86 9.71 26.46
CA MET D 207 -56.03 10.19 25.09
C MET D 207 -57.43 10.74 24.91
N VAL D 208 -57.52 11.96 24.40
CA VAL D 208 -58.79 12.66 24.24
C VAL D 208 -58.98 12.99 22.76
N GLY D 209 -60.16 12.70 22.24
CA GLY D 209 -60.47 12.97 20.84
C GLY D 209 -60.20 11.76 19.96
N LYS D 210 -60.94 11.70 18.84
CA LYS D 210 -60.79 10.60 17.90
C LYS D 210 -59.51 10.68 17.09
N ASP D 211 -58.71 11.73 17.23
CA ASP D 211 -57.42 11.82 16.57
C ASP D 211 -56.28 11.36 17.46
N ASP D 212 -56.35 11.65 18.76
CA ASP D 212 -55.41 11.04 19.70
C ASP D 212 -55.57 9.53 19.73
N LEU D 213 -56.77 9.03 19.42
CA LEU D 213 -57.00 7.59 19.39
C LEU D 213 -56.41 6.95 18.14
N ARG D 214 -56.58 7.58 16.97
CA ARG D 214 -56.04 7.03 15.74
C ARG D 214 -54.53 6.85 15.83
N ARG D 215 -53.84 7.82 16.44
CA ARG D 215 -52.40 7.68 16.63
C ARG D 215 -52.07 6.44 17.45
N HIS D 216 -52.86 6.17 18.50
CA HIS D 216 -52.67 4.98 19.31
C HIS D 216 -53.00 3.73 18.51
N LEU D 217 -54.09 3.77 17.73
CA LEU D 217 -54.50 2.61 16.95
C LEU D 217 -53.54 2.35 15.81
N GLU D 218 -53.04 3.41 15.15
CA GLU D 218 -52.03 3.22 14.12
C GLU D 218 -50.78 2.59 14.70
N LEU D 219 -50.36 3.03 15.89
CA LEU D 219 -49.27 2.37 16.59
C LEU D 219 -49.62 0.93 16.93
N ALA D 220 -50.90 0.65 17.16
CA ALA D 220 -51.31 -0.71 17.51
C ALA D 220 -51.17 -1.65 16.33
N VAL D 221 -51.78 -1.31 15.19
CA VAL D 221 -51.72 -2.19 14.02
C VAL D 221 -50.29 -2.42 13.57
N SER D 222 -49.40 -1.44 13.79
CA SER D 222 -48.01 -1.61 13.37
C SER D 222 -47.25 -2.52 14.31
N CYS D 223 -47.47 -2.41 15.62
CA CYS D 223 -46.85 -3.32 16.58
C CYS D 223 -47.37 -4.75 16.43
N GLY D 224 -48.46 -4.94 15.71
CA GLY D 224 -49.01 -6.27 15.52
C GLY D 224 -49.89 -6.75 16.64
N THR D 225 -50.67 -5.85 17.25
CA THR D 225 -51.53 -6.22 18.37
C THR D 225 -52.64 -7.15 17.90
N HIS D 226 -52.84 -8.24 18.65
CA HIS D 226 -53.96 -9.15 18.44
C HIS D 226 -54.64 -9.36 19.79
N GLU D 227 -55.89 -8.94 19.90
CA GLU D 227 -56.61 -8.96 21.17
C GLU D 227 -57.67 -10.03 21.12
N VAL D 228 -57.78 -10.78 22.20
CA VAL D 228 -58.83 -11.80 22.34
C VAL D 228 -59.49 -11.62 23.69
N PRO D 229 -60.76 -11.23 23.73
CA PRO D 229 -61.42 -10.95 25.02
C PRO D 229 -62.09 -12.17 25.62
N ASP D 230 -62.22 -12.13 26.93
CA ASP D 230 -63.06 -13.06 27.66
C ASP D 230 -64.51 -12.61 27.55
N PRO D 231 -65.47 -13.47 27.88
CA PRO D 231 -66.88 -13.06 27.84
C PRO D 231 -67.12 -11.86 28.75
N PRO D 232 -67.55 -10.74 28.17
CA PRO D 232 -67.66 -9.51 28.95
C PRO D 232 -68.79 -9.58 29.97
N MET D 233 -68.78 -8.62 30.88
CA MET D 233 -69.88 -8.36 31.81
C MET D 233 -70.29 -6.90 31.68
N THR D 234 -71.45 -6.57 32.23
CA THR D 234 -71.97 -5.21 32.19
C THR D 234 -72.30 -4.76 33.61
N SER D 235 -72.64 -3.48 33.73
CA SER D 235 -73.30 -3.02 34.93
C SER D 235 -74.79 -3.30 34.82
N MET D 236 -75.46 -3.30 35.97
CA MET D 236 -76.88 -3.66 35.99
C MET D 236 -77.74 -2.68 35.21
N ASP D 237 -77.22 -1.49 34.89
CA ASP D 237 -77.95 -0.50 34.12
C ASP D 237 -77.53 -0.45 32.65
N ASP D 238 -76.64 -1.33 32.22
CA ASP D 238 -76.18 -1.42 30.82
C ASP D 238 -75.51 -0.14 30.36
N ARG D 239 -74.88 0.60 31.27
CA ARG D 239 -74.08 1.75 30.89
C ARG D 239 -72.59 1.46 30.80
N PHE D 240 -72.11 0.43 31.50
CA PHE D 240 -70.72 0.02 31.45
C PHE D 240 -70.59 -1.38 30.90
N VAL D 241 -69.58 -1.57 30.05
CA VAL D 241 -69.21 -2.88 29.54
C VAL D 241 -67.80 -3.19 30.03
N VAL D 242 -67.62 -4.37 30.63
CA VAL D 242 -66.34 -4.77 31.22
C VAL D 242 -65.72 -5.82 30.32
N THR D 243 -64.55 -5.51 29.77
CA THR D 243 -63.89 -6.39 28.82
C THR D 243 -62.56 -6.87 29.37
N PRO D 244 -62.45 -8.12 29.81
CA PRO D 244 -61.13 -8.68 30.11
C PRO D 244 -60.47 -9.24 28.85
N THR D 245 -59.39 -8.63 28.41
CA THR D 245 -58.70 -9.04 27.18
C THR D 245 -57.30 -9.56 27.50
N THR D 246 -56.79 -10.35 26.56
CA THR D 246 -55.40 -10.78 26.54
C THR D 246 -54.83 -10.30 25.21
N VAL D 247 -54.05 -9.22 25.25
CA VAL D 247 -53.53 -8.56 24.05
C VAL D 247 -52.09 -8.98 23.84
N THR D 248 -51.75 -9.37 22.61
CA THR D 248 -50.41 -9.80 22.24
C THR D 248 -49.90 -8.94 21.10
N VAL D 249 -48.63 -8.56 21.17
CA VAL D 249 -47.99 -7.79 20.11
C VAL D 249 -46.79 -8.57 19.59
N GLN D 250 -46.51 -8.40 18.29
CA GLN D 250 -45.38 -9.07 17.67
C GLN D 250 -44.13 -8.21 17.66
N ARG D 251 -44.27 -6.89 17.56
CA ARG D 251 -43.15 -5.99 17.47
C ARG D 251 -43.21 -4.96 18.60
N PRO D 252 -42.05 -4.52 19.11
CA PRO D 252 -40.67 -4.81 18.69
C PRO D 252 -40.23 -6.26 18.91
N ARG D 253 -40.96 -6.99 19.74
CA ARG D 253 -40.61 -8.35 20.13
C ARG D 253 -41.77 -8.93 20.93
N PRO D 254 -42.11 -10.20 20.74
CA PRO D 254 -43.36 -10.74 21.31
C PRO D 254 -43.47 -10.52 22.81
N MET D 255 -44.64 -10.03 23.22
CA MET D 255 -44.99 -9.89 24.63
C MET D 255 -46.50 -9.92 24.74
N THR D 256 -47.00 -10.18 25.95
CA THR D 256 -48.42 -10.39 26.18
C THR D 256 -48.90 -9.48 27.30
N PHE D 257 -50.03 -8.82 27.08
CA PHE D 257 -50.66 -7.96 28.07
C PHE D 257 -51.94 -8.62 28.59
N ARG D 258 -52.30 -8.29 29.82
CA ARG D 258 -53.56 -8.75 30.42
C ARG D 258 -54.30 -7.52 30.94
N ILE D 259 -55.24 -7.02 30.13
CA ILE D 259 -55.97 -5.80 30.45
C ILE D 259 -57.40 -6.13 30.77
N VAL D 260 -58.00 -5.30 31.62
CA VAL D 260 -59.42 -5.33 31.89
C VAL D 260 -59.94 -3.93 31.64
N GLY D 261 -60.74 -3.76 30.60
CA GLY D 261 -61.24 -2.45 30.21
C GLY D 261 -62.63 -2.20 30.76
N ILE D 262 -62.89 -0.94 31.12
CA ILE D 262 -64.20 -0.50 31.59
C ILE D 262 -64.66 0.60 30.65
N VAL D 263 -65.75 0.35 29.93
CA VAL D 263 -66.24 1.25 28.90
C VAL D 263 -67.50 1.94 29.40
N GLU D 264 -67.59 3.25 29.16
CA GLU D 264 -68.77 4.03 29.49
C GLU D 264 -69.55 4.28 28.21
N LEU D 265 -70.81 3.85 28.19
CA LEU D 265 -71.66 3.94 27.01
C LEU D 265 -72.67 5.08 27.17
N ASP D 266 -72.97 5.74 26.05
CA ASP D 266 -73.91 6.85 26.04
C ASP D 266 -75.32 6.31 25.82
N GLU D 267 -76.26 7.20 25.46
CA GLU D 267 -77.64 6.79 25.28
C GLU D 267 -77.81 5.94 24.03
N HIS D 268 -77.23 6.37 22.92
CA HIS D 268 -77.37 5.65 21.66
C HIS D 268 -76.52 4.39 21.59
N GLY D 269 -75.60 4.18 22.53
CA GLY D 269 -74.83 2.96 22.58
C GLY D 269 -73.37 3.09 22.18
N LEU D 270 -72.83 4.29 22.08
CA LEU D 270 -71.43 4.47 21.74
C LEU D 270 -70.60 4.67 23.00
N GLY D 271 -69.32 4.35 22.89
CA GLY D 271 -68.42 4.49 24.02
C GLY D 271 -67.86 5.90 24.16
N ARG D 272 -68.07 6.52 25.32
CA ARG D 272 -67.59 7.87 25.56
C ARG D 272 -66.37 7.93 26.48
N ARG D 273 -66.21 6.98 27.38
CA ARG D 273 -65.07 6.95 28.29
C ARG D 273 -64.60 5.52 28.46
N VAL D 274 -63.30 5.30 28.31
CA VAL D 274 -62.69 3.97 28.40
C VAL D 274 -61.58 4.02 29.44
N GLN D 275 -61.59 3.05 30.36
CA GLN D 275 -60.55 2.89 31.36
C GLN D 275 -59.92 1.51 31.16
N ALA D 276 -58.71 1.48 30.60
CA ALA D 276 -57.99 0.23 30.35
C ALA D 276 -57.07 -0.03 31.53
N PHE D 277 -57.56 -0.81 32.49
CA PHE D 277 -56.78 -1.14 33.69
C PHE D 277 -55.81 -2.27 33.37
N TRP D 278 -54.52 -1.96 33.41
CA TRP D 278 -53.48 -2.97 33.35
C TRP D 278 -52.22 -2.39 33.96
N GLY D 279 -51.59 -3.13 34.87
CA GLY D 279 -50.41 -2.65 35.55
C GLY D 279 -49.13 -3.10 34.86
N VAL D 280 -48.01 -2.55 35.36
CA VAL D 280 -46.70 -2.97 34.86
C VAL D 280 -46.44 -4.42 35.16
N THR D 281 -47.08 -4.98 36.18
CA THR D 281 -46.95 -6.38 36.55
C THR D 281 -47.84 -7.30 35.73
N ASP D 282 -48.40 -6.81 34.62
CA ASP D 282 -49.31 -7.60 33.79
C ASP D 282 -48.77 -7.80 32.37
N VAL D 283 -47.49 -7.52 32.15
CA VAL D 283 -46.86 -7.73 30.85
C VAL D 283 -45.84 -8.86 30.99
N THR D 284 -45.78 -9.71 29.98
CA THR D 284 -44.90 -10.88 30.00
C THR D 284 -44.34 -11.13 28.61
N MET D 285 -43.04 -11.36 28.54
CA MET D 285 -42.37 -11.67 27.29
C MET D 285 -42.33 -13.19 27.08
N ASP D 286 -42.27 -13.58 25.81
CA ASP D 286 -42.41 -14.99 25.45
C ASP D 286 -41.58 -15.36 24.23
#